data_8I88
#
_entry.id   8I88
#
_cell.length_a   1.00
_cell.length_b   1.00
_cell.length_c   1.00
_cell.angle_alpha   90.00
_cell.angle_beta   90.00
_cell.angle_gamma   90.00
#
_symmetry.space_group_name_H-M   'P 1'
#
loop_
_entity.id
_entity.type
_entity.pdbx_description
1 polymer "RNA (5'-R(P*GP*A)-3')"
2 polymer 'Piwi domain-containing protein'
3 polymer 'TIR domain-containing protein'
#
loop_
_entity_poly.entity_id
_entity_poly.type
_entity_poly.pdbx_seq_one_letter_code
_entity_poly.pdbx_strand_id
1 'polyribonucleotide' GA L
2 'polypeptide(L)'
;MKELIYIEEPKILFAHGQKCTDARDGLALFGPLNNLYGIKSGVIGTKQGLKIFRDYLDHIQKPIYNSNSITRPMFPGFEA
VFDCKWESTGITFKEVTNEDIGKFLYNSSTHKRTYDLVSLFIDKIISANKNEDENVDVWFVIVPDEIYKYCRPNSVLPKE
MVQTKALMSKSKAKSFRYEPSLFPDINIELKEQEKEAETYNYDAQFHDQFKARLLKHTIPTQIFRESTLAWRDFKNAFGL
PIRDFSKIEGHLAWTISTAAFYKAGGKPWKLSDVRNGVCYLGLVYKKVEKSKNPRNACCAAQMFLDNGDGTVFKGEVGPW
YNPKNGQYHLEPKEAKALLSQSLQSYKEQIGEYPKEVFIHAKTRFNHQEWDAFLEVTPKETNLVGVTISKTKPLKLYKTE
GDYTILRGNAYVVNERSAFLWTVGYVPKIQTALSMEVPNPLFIEINKGEADIKQVLKDILSLTKLNYNACIFADGEPVTL
RFADKIGEILTASTDIKTPPLAFKYYI
;
B
3 'polypeptide(L)'
;MRNKIFISHATPDDNDFTRWLALKLIGLGYEVWCDILFLDKGVDFWSNIEKVIREDTCKFLLVSSSYSNQREGVLKELAV
AAKVKKQLKDDKFIIPLAIDEQLSYDDINIDIVRLNAIDFKMSWARGLKDILEAFEKQKVPKEVADASKSNLLYQQIFLH
DKSVIEKEEIYDSNWLSILSFPEELRFHEYNWMLPKRFDVRELTFPAVRYKNYLCTFAWAYDFTYHLPKTETYHKSKTIR
IPTEEILSGSYDSNFIRNAECKRLIVQLLNKAFELRMKDKEVQEYEMSNKTAYWLEKGKLEKDKFEKTMLVGKQKDKNWH
FAISGASKLYPFPVLMISSHIFFTADGKKLIDSSSVQHSSRRRQGKNWWNNTWRTKLLAFIKYLSDDDTSFYLEMGSEEK
VFVSNEPVKFKGNVSYNIPEKNTLEEEAELSGFNQGEDIEELEELIENLEAE
;
C
#
loop_
_chem_comp.id
_chem_comp.type
_chem_comp.name
_chem_comp.formula
A RNA linking ADENOSINE-5'-MONOPHOSPHATE 'C10 H14 N5 O7 P'
G RNA linking GUANOSINE-5'-MONOPHOSPHATE 'C10 H14 N5 O8 P'
#
# COMPACT_ATOMS: atom_id res chain seq x y z
N MET B 1 24.41 -15.74 10.70
CA MET B 1 23.09 -15.25 10.34
C MET B 1 22.77 -13.96 11.08
N LYS B 2 21.68 -13.30 10.67
CA LYS B 2 21.25 -12.04 11.26
C LYS B 2 19.83 -12.20 11.79
N GLU B 3 19.57 -11.63 12.96
CA GLU B 3 18.29 -11.78 13.64
C GLU B 3 17.33 -10.68 13.22
N LEU B 4 16.04 -11.01 13.23
CA LEU B 4 14.97 -10.08 12.88
C LEU B 4 14.07 -9.86 14.09
N ILE B 5 13.78 -8.61 14.39
CA ILE B 5 12.84 -8.29 15.45
C ILE B 5 11.43 -8.23 14.86
N TYR B 6 10.42 -8.33 15.72
CA TYR B 6 9.03 -8.32 15.31
C TYR B 6 8.31 -7.13 15.89
N ILE B 7 7.58 -6.40 15.06
CA ILE B 7 6.81 -5.24 15.46
C ILE B 7 5.33 -5.58 15.28
N GLU B 8 4.58 -5.54 16.38
CA GLU B 8 3.18 -5.95 16.34
C GLU B 8 2.33 -4.94 15.58
N GLU B 9 1.25 -5.44 14.98
CA GLU B 9 0.35 -4.59 14.22
C GLU B 9 -0.37 -3.63 15.15
N PRO B 10 -0.49 -2.36 14.78
CA PRO B 10 -1.19 -1.40 15.65
C PRO B 10 -2.71 -1.55 15.54
N LYS B 11 -3.39 -0.98 16.53
CA LYS B 11 -4.85 -1.02 16.60
C LYS B 11 -5.41 0.37 16.41
N ILE B 12 -6.55 0.46 15.73
CA ILE B 12 -7.25 1.70 15.48
C ILE B 12 -8.51 1.74 16.33
N LEU B 13 -8.85 2.92 16.84
CA LEU B 13 -9.99 3.10 17.73
C LEU B 13 -11.25 3.34 16.92
N PHE B 14 -12.38 2.90 17.46
CA PHE B 14 -13.65 2.91 16.74
C PHE B 14 -14.76 3.34 17.71
N ALA B 15 -16.00 3.11 17.30
CA ALA B 15 -17.14 3.49 18.10
C ALA B 15 -17.19 2.69 19.39
N HIS B 16 -17.79 3.30 20.42
CA HIS B 16 -17.98 2.68 21.73
C HIS B 16 -16.66 2.27 22.37
N GLY B 17 -15.59 3.03 22.12
CA GLY B 17 -14.33 2.82 22.80
C GLY B 17 -13.64 1.50 22.51
N GLN B 18 -14.00 0.83 21.42
CA GLN B 18 -13.42 -0.44 21.06
C GLN B 18 -12.30 -0.27 20.04
N LYS B 19 -11.39 -1.23 20.01
CA LYS B 19 -10.22 -1.19 19.14
C LYS B 19 -10.21 -2.42 18.25
N CYS B 20 -9.89 -2.21 16.97
CA CYS B 20 -9.80 -3.30 16.00
C CYS B 20 -8.50 -3.15 15.22
N THR B 21 -8.08 -4.26 14.61
CA THR B 21 -6.90 -4.24 13.74
C THR B 21 -7.26 -4.08 12.28
N ASP B 22 -8.49 -4.40 11.89
CA ASP B 22 -8.97 -4.17 10.54
C ASP B 22 -10.13 -3.18 10.59
N ALA B 23 -10.09 -2.16 9.73
CA ALA B 23 -11.08 -1.09 9.82
C ALA B 23 -12.45 -1.55 9.35
N ARG B 24 -12.50 -2.40 8.32
CA ARG B 24 -13.79 -2.83 7.77
C ARG B 24 -14.59 -3.62 8.78
N ASP B 25 -13.95 -4.56 9.48
CA ASP B 25 -14.67 -5.36 10.47
C ASP B 25 -15.19 -4.50 11.61
N GLY B 26 -14.37 -3.57 12.09
CA GLY B 26 -14.82 -2.67 13.14
C GLY B 26 -15.98 -1.81 12.71
N LEU B 27 -15.89 -1.25 11.49
CA LEU B 27 -16.99 -0.43 10.98
C LEU B 27 -18.27 -1.23 10.89
N ALA B 28 -18.21 -2.44 10.33
CA ALA B 28 -19.41 -3.26 10.19
C ALA B 28 -19.91 -3.80 11.53
N LEU B 29 -19.07 -3.79 12.56
CA LEU B 29 -19.45 -4.36 13.85
C LEU B 29 -19.76 -3.32 14.91
N PHE B 30 -19.14 -2.14 14.85
CA PHE B 30 -19.37 -1.14 15.89
C PHE B 30 -19.86 0.19 15.36
N GLY B 31 -19.33 0.65 14.24
CA GLY B 31 -19.74 1.92 13.68
C GLY B 31 -18.63 2.95 13.68
N PRO B 32 -18.86 4.07 12.99
CA PRO B 32 -17.83 5.11 12.91
C PRO B 32 -17.66 5.85 14.23
N LEU B 33 -16.56 6.60 14.32
CA LEU B 33 -16.26 7.33 15.54
C LEU B 33 -17.24 8.46 15.78
N ASN B 34 -17.49 9.27 14.75
CA ASN B 34 -18.39 10.40 14.84
C ASN B 34 -19.50 10.25 13.80
N ASN B 35 -20.74 10.46 14.24
CA ASN B 35 -21.91 10.23 13.40
C ASN B 35 -22.58 11.56 13.06
N LEU B 36 -23.15 11.62 11.86
CA LEU B 36 -23.87 12.80 11.39
C LEU B 36 -25.36 12.49 11.29
N TYR B 37 -26.14 13.54 11.01
CA TYR B 37 -27.56 13.35 10.76
C TYR B 37 -27.78 12.63 9.43
N GLY B 38 -27.13 13.11 8.38
CA GLY B 38 -27.28 12.52 7.06
C GLY B 38 -26.42 13.26 6.06
N ILE B 39 -26.42 12.75 4.84
CA ILE B 39 -25.60 13.31 3.77
C ILE B 39 -26.53 14.05 2.81
N LYS B 40 -26.29 15.35 2.65
CA LYS B 40 -26.99 16.16 1.67
C LYS B 40 -26.15 16.22 0.41
N SER B 41 -26.61 15.56 -0.65
CA SER B 41 -25.80 15.30 -1.82
C SER B 41 -26.10 16.29 -2.94
N GLY B 42 -25.06 16.69 -3.65
CA GLY B 42 -25.20 17.52 -4.83
C GLY B 42 -24.44 16.91 -6.00
N VAL B 43 -25.10 16.81 -7.15
CA VAL B 43 -24.53 16.17 -8.33
C VAL B 43 -24.68 17.10 -9.52
N ILE B 44 -23.60 17.27 -10.28
CA ILE B 44 -23.59 18.09 -11.49
C ILE B 44 -23.22 17.20 -12.66
N GLY B 45 -24.03 17.22 -13.71
CA GLY B 45 -23.77 16.42 -14.87
C GLY B 45 -25.00 16.31 -15.75
N THR B 46 -24.89 15.44 -16.74
CA THR B 46 -26.00 15.20 -17.66
C THR B 46 -27.13 14.45 -16.95
N LYS B 47 -28.27 14.38 -17.61
CA LYS B 47 -29.43 13.67 -17.05
C LYS B 47 -29.12 12.19 -16.89
N GLN B 48 -28.45 11.58 -17.88
CA GLN B 48 -28.08 10.19 -17.76
C GLN B 48 -27.10 9.97 -16.62
N GLY B 49 -26.17 10.90 -16.42
CA GLY B 49 -25.28 10.82 -15.27
C GLY B 49 -26.03 10.89 -13.95
N LEU B 50 -27.03 11.76 -13.87
CA LEU B 50 -27.85 11.83 -12.66
C LEU B 50 -28.59 10.53 -12.44
N LYS B 51 -29.14 9.94 -13.51
CA LYS B 51 -29.84 8.67 -13.36
C LYS B 51 -28.91 7.57 -12.87
N ILE B 52 -27.70 7.51 -13.43
CA ILE B 52 -26.73 6.50 -13.01
C ILE B 52 -26.35 6.70 -11.55
N PHE B 53 -26.11 7.95 -11.15
CA PHE B 53 -25.76 8.23 -9.76
C PHE B 53 -26.89 7.84 -8.82
N ARG B 54 -28.13 8.16 -9.18
CA ARG B 54 -29.28 7.80 -8.36
C ARG B 54 -29.42 6.29 -8.24
N ASP B 55 -29.25 5.58 -9.36
CA ASP B 55 -29.36 4.12 -9.34
C ASP B 55 -28.29 3.53 -8.43
N TYR B 56 -27.05 4.01 -8.55
CA TYR B 56 -25.97 3.49 -7.70
C TYR B 56 -26.22 3.82 -6.23
N LEU B 57 -26.74 5.02 -5.95
CA LEU B 57 -27.00 5.41 -4.57
C LEU B 57 -28.07 4.53 -3.95
N ASP B 58 -29.10 4.19 -4.71
CA ASP B 58 -30.09 3.24 -4.22
C ASP B 58 -29.53 1.84 -4.11
N HIS B 59 -28.55 1.49 -4.97
CA HIS B 59 -28.02 0.14 -4.98
C HIS B 59 -27.13 -0.14 -3.78
N ILE B 60 -26.32 0.85 -3.37
CA ILE B 60 -25.40 0.61 -2.25
C ILE B 60 -26.11 0.42 -0.92
N GLN B 61 -27.42 0.61 -0.87
CA GLN B 61 -28.16 0.37 0.37
C GLN B 61 -28.36 -1.10 0.66
N LYS B 62 -28.50 -1.93 -0.37
CA LYS B 62 -28.68 -3.37 -0.23
C LYS B 62 -27.37 -4.04 0.16
N PRO B 63 -27.44 -5.19 0.83
CA PRO B 63 -26.20 -5.95 1.09
C PRO B 63 -25.58 -6.41 -0.21
N ILE B 64 -24.24 -6.44 -0.24
CA ILE B 64 -23.49 -6.88 -1.40
C ILE B 64 -22.27 -7.65 -0.92
N TYR B 65 -22.21 -8.93 -1.26
CA TYR B 65 -21.14 -9.82 -0.85
C TYR B 65 -20.02 -9.80 -1.89
N ASN B 66 -18.98 -10.56 -1.60
CA ASN B 66 -17.84 -10.69 -2.50
C ASN B 66 -17.47 -12.16 -2.64
N SER B 67 -16.79 -12.47 -3.74
CA SER B 67 -16.48 -13.87 -4.05
C SER B 67 -15.63 -14.51 -2.96
N ASN B 68 -14.60 -13.80 -2.50
CA ASN B 68 -13.74 -14.28 -1.42
C ASN B 68 -14.10 -13.50 -0.17
N SER B 69 -15.00 -14.05 0.64
CA SER B 69 -15.55 -13.33 1.78
C SER B 69 -14.63 -13.30 2.99
N ILE B 70 -13.49 -13.98 2.94
CA ILE B 70 -12.52 -13.96 4.03
C ILE B 70 -11.46 -12.90 3.83
N THR B 71 -11.23 -12.51 2.57
CA THR B 71 -10.23 -11.47 2.29
C THR B 71 -10.89 -10.11 2.12
N ARG B 72 -12.10 -10.06 1.55
CA ARG B 72 -12.81 -8.82 1.26
C ARG B 72 -14.20 -8.90 1.88
N PRO B 73 -14.32 -8.57 3.16
CA PRO B 73 -15.59 -8.76 3.87
C PRO B 73 -16.76 -8.03 3.21
N MET B 74 -17.95 -8.53 3.50
CA MET B 74 -19.17 -8.06 2.86
C MET B 74 -19.58 -6.68 3.37
N PHE B 75 -20.46 -6.04 2.62
CA PHE B 75 -20.91 -4.67 2.90
C PHE B 75 -22.38 -4.69 3.28
N PRO B 76 -22.72 -4.55 4.56
CA PRO B 76 -24.14 -4.59 4.96
C PRO B 76 -24.99 -3.51 4.30
N GLY B 77 -24.46 -2.32 4.12
CA GLY B 77 -25.20 -1.20 3.56
C GLY B 77 -24.88 0.07 4.32
N PHE B 78 -24.97 1.20 3.63
CA PHE B 78 -24.51 2.47 4.19
C PHE B 78 -25.26 2.81 5.48
N GLU B 79 -26.58 2.63 5.48
CA GLU B 79 -27.34 2.90 6.69
C GLU B 79 -26.99 1.90 7.80
N ALA B 80 -26.59 0.69 7.43
CA ALA B 80 -26.29 -0.32 8.44
C ALA B 80 -24.96 -0.05 9.15
N VAL B 81 -23.94 0.34 8.39
CA VAL B 81 -22.60 0.47 8.96
C VAL B 81 -22.33 1.89 9.44
N PHE B 82 -22.63 2.89 8.62
CA PHE B 82 -22.31 4.28 8.95
C PHE B 82 -23.45 5.00 9.67
N ASP B 83 -24.64 4.41 9.71
CA ASP B 83 -25.79 4.98 10.43
C ASP B 83 -26.10 6.41 9.95
N CYS B 84 -25.98 6.64 8.66
CA CYS B 84 -26.29 7.94 8.06
C CYS B 84 -27.17 7.72 6.84
N LYS B 85 -28.07 8.68 6.61
CA LYS B 85 -29.06 8.56 5.54
C LYS B 85 -28.49 9.17 4.26
N TRP B 86 -27.84 8.34 3.45
CA TRP B 86 -27.38 8.73 2.12
C TRP B 86 -28.40 8.23 1.13
N GLU B 87 -29.49 8.99 0.98
CA GLU B 87 -30.62 8.58 0.15
C GLU B 87 -30.54 9.26 -1.22
N SER B 88 -31.20 8.64 -2.19
CA SER B 88 -31.22 9.15 -3.56
C SER B 88 -32.24 10.26 -3.75
N THR B 89 -33.04 10.58 -2.74
CA THR B 89 -34.00 11.66 -2.79
C THR B 89 -33.48 12.85 -2.01
N GLY B 90 -33.98 14.03 -2.37
CA GLY B 90 -33.52 15.26 -1.73
C GLY B 90 -32.08 15.61 -2.01
N ILE B 91 -31.65 15.46 -3.27
CA ILE B 91 -30.31 15.84 -3.69
C ILE B 91 -30.44 16.99 -4.69
N THR B 92 -29.43 17.85 -4.72
CA THR B 92 -29.45 19.02 -5.60
C THR B 92 -28.72 18.67 -6.89
N PHE B 93 -29.44 18.77 -8.01
CA PHE B 93 -28.91 18.37 -9.31
C PHE B 93 -28.71 19.59 -10.19
N LYS B 94 -27.53 19.70 -10.77
CA LYS B 94 -27.21 20.72 -11.77
C LYS B 94 -26.98 20.05 -13.12
N GLU B 95 -27.57 20.60 -14.16
CA GLU B 95 -27.59 19.97 -15.47
C GLU B 95 -26.55 20.59 -16.38
N VAL B 96 -25.78 19.74 -17.06
CA VAL B 96 -24.84 20.17 -18.09
C VAL B 96 -25.29 19.52 -19.39
N THR B 97 -25.78 20.33 -20.32
CA THR B 97 -26.27 19.81 -21.59
C THR B 97 -25.13 19.23 -22.41
N ASN B 98 -25.46 18.19 -23.18
CA ASN B 98 -24.44 17.55 -24.02
C ASN B 98 -23.92 18.49 -25.10
N GLU B 99 -24.73 19.47 -25.52
CA GLU B 99 -24.27 20.42 -26.52
C GLU B 99 -23.12 21.26 -26.01
N ASP B 100 -23.18 21.68 -24.73
CA ASP B 100 -22.07 22.43 -24.15
C ASP B 100 -20.80 21.59 -24.10
N ILE B 101 -20.93 20.31 -23.75
CA ILE B 101 -19.77 19.42 -23.72
C ILE B 101 -19.17 19.28 -25.11
N GLY B 102 -20.03 19.07 -26.12
CA GLY B 102 -19.54 18.95 -27.48
C GLY B 102 -18.91 20.23 -28.01
N LYS B 103 -19.39 21.38 -27.55
CA LYS B 103 -18.84 22.66 -28.00
C LYS B 103 -17.36 22.78 -27.69
N PHE B 104 -16.92 22.26 -26.54
CA PHE B 104 -15.53 22.36 -26.13
C PHE B 104 -14.76 21.06 -26.26
N LEU B 105 -15.43 19.95 -26.58
CA LEU B 105 -14.73 18.67 -26.65
C LEU B 105 -13.94 18.52 -27.95
N TYR B 106 -14.26 19.32 -28.97
CA TYR B 106 -13.64 19.19 -30.28
C TYR B 106 -12.60 20.26 -30.56
N ASN B 107 -11.84 20.68 -29.55
CA ASN B 107 -10.78 21.66 -29.73
C ASN B 107 -9.43 20.95 -29.91
N SER B 108 -8.59 21.50 -30.78
CA SER B 108 -7.31 20.86 -31.08
C SER B 108 -6.31 21.01 -29.94
N SER B 109 -6.21 22.22 -29.37
CA SER B 109 -5.22 22.49 -28.33
C SER B 109 -5.66 21.85 -27.02
N THR B 110 -4.91 20.85 -26.55
CA THR B 110 -5.32 20.08 -25.38
C THR B 110 -5.41 20.95 -24.13
N HIS B 111 -4.43 21.83 -23.91
CA HIS B 111 -4.47 22.70 -22.75
C HIS B 111 -5.68 23.61 -22.80
N LYS B 112 -5.99 24.16 -23.97
CA LYS B 112 -7.13 25.06 -24.10
C LYS B 112 -8.44 24.36 -23.79
N ARG B 113 -8.68 23.20 -24.42
CA ARG B 113 -9.94 22.49 -24.20
C ARG B 113 -10.07 22.03 -22.75
N THR B 114 -8.96 21.58 -22.16
CA THR B 114 -8.99 21.24 -20.74
C THR B 114 -9.40 22.45 -19.91
N TYR B 115 -8.84 23.62 -20.21
CA TYR B 115 -9.21 24.82 -19.48
C TYR B 115 -10.69 25.15 -19.63
N ASP B 116 -11.21 25.07 -20.86
CA ASP B 116 -12.62 25.42 -21.07
C ASP B 116 -13.55 24.43 -20.37
N LEU B 117 -13.25 23.13 -20.45
CA LEU B 117 -14.10 22.16 -19.77
C LEU B 117 -14.06 22.34 -18.25
N VAL B 118 -12.86 22.55 -17.70
CA VAL B 118 -12.76 22.80 -16.28
C VAL B 118 -13.60 24.01 -15.89
N SER B 119 -13.44 25.12 -16.62
CA SER B 119 -14.20 26.32 -16.29
C SER B 119 -15.70 26.11 -16.44
N LEU B 120 -16.11 25.35 -17.45
CA LEU B 120 -17.52 25.03 -17.64
C LEU B 120 -18.09 24.26 -16.47
N PHE B 121 -17.26 23.47 -15.80
CA PHE B 121 -17.74 22.85 -14.56
C PHE B 121 -17.67 23.81 -13.38
N ILE B 122 -16.61 24.62 -13.29
CA ILE B 122 -16.34 25.40 -12.09
C ILE B 122 -17.34 26.54 -11.95
N ASP B 123 -17.71 27.19 -13.07
CA ASP B 123 -18.65 28.29 -12.98
C ASP B 123 -20.01 27.81 -12.50
N LYS B 124 -20.46 26.65 -13.00
CA LYS B 124 -21.71 26.08 -12.52
C LYS B 124 -21.60 25.72 -11.04
N ILE B 125 -20.46 25.15 -10.63
CA ILE B 125 -20.27 24.77 -9.23
C ILE B 125 -20.41 26.00 -8.33
N ILE B 126 -19.70 27.08 -8.68
CA ILE B 126 -19.68 28.26 -7.81
C ILE B 126 -21.03 28.96 -7.84
N SER B 127 -21.68 29.03 -9.00
CA SER B 127 -23.00 29.65 -9.07
C SER B 127 -24.01 28.88 -8.23
N ALA B 128 -23.98 27.55 -8.30
CA ALA B 128 -24.89 26.74 -7.48
C ALA B 128 -24.60 26.92 -6.01
N ASN B 129 -23.32 26.98 -5.63
CA ASN B 129 -22.98 27.16 -4.22
C ASN B 129 -23.38 28.53 -3.70
N LYS B 130 -23.33 29.56 -4.56
CA LYS B 130 -23.57 30.92 -4.09
C LYS B 130 -25.06 31.27 -4.10
N ASN B 131 -25.74 31.06 -5.22
CA ASN B 131 -27.11 31.55 -5.37
C ASN B 131 -28.07 30.82 -4.44
N GLU B 132 -27.90 29.51 -4.28
CA GLU B 132 -28.84 28.70 -3.52
C GLU B 132 -28.73 28.96 -2.02
N ASP B 133 -29.86 28.94 -1.35
CA ASP B 133 -29.88 28.94 0.12
C ASP B 133 -29.67 27.56 0.71
N GLU B 134 -29.64 26.52 -0.13
CA GLU B 134 -29.40 25.17 0.34
C GLU B 134 -27.94 25.00 0.73
N ASN B 135 -27.68 24.09 1.67
CA ASN B 135 -26.34 23.81 2.15
C ASN B 135 -26.03 22.35 1.82
N VAL B 136 -25.49 22.12 0.62
CA VAL B 136 -25.10 20.78 0.19
C VAL B 136 -23.77 20.43 0.86
N ASP B 137 -23.57 19.14 1.11
CA ASP B 137 -22.35 18.70 1.79
C ASP B 137 -21.20 18.55 0.79
N VAL B 138 -21.35 17.66 -0.19
CA VAL B 138 -20.31 17.38 -1.16
C VAL B 138 -20.91 17.46 -2.56
N TRP B 139 -20.05 17.72 -3.54
CA TRP B 139 -20.45 17.82 -4.94
C TRP B 139 -19.88 16.63 -5.70
N PHE B 140 -20.75 15.78 -6.22
CA PHE B 140 -20.34 14.62 -6.99
C PHE B 140 -20.38 14.97 -8.47
N VAL B 141 -19.21 15.14 -9.06
CA VAL B 141 -19.07 15.46 -10.48
C VAL B 141 -19.00 14.15 -11.25
N ILE B 142 -20.07 13.81 -11.95
CA ILE B 142 -20.12 12.63 -12.80
C ILE B 142 -19.78 13.09 -14.22
N VAL B 143 -18.72 12.53 -14.78
CA VAL B 143 -18.16 12.98 -16.05
C VAL B 143 -18.32 11.86 -17.07
N PRO B 144 -18.74 12.16 -18.31
CA PRO B 144 -18.76 11.12 -19.34
C PRO B 144 -17.35 10.64 -19.66
N ASP B 145 -17.26 9.40 -20.12
CA ASP B 145 -15.96 8.78 -20.37
C ASP B 145 -15.16 9.53 -21.42
N GLU B 146 -15.83 10.09 -22.43
CA GLU B 146 -15.12 10.71 -23.54
C GLU B 146 -14.30 11.92 -23.08
N ILE B 147 -14.79 12.67 -22.11
CA ILE B 147 -14.04 13.82 -21.61
C ILE B 147 -12.73 13.36 -20.98
N TYR B 148 -12.82 12.35 -20.11
CA TYR B 148 -11.61 11.82 -19.47
C TYR B 148 -10.65 11.24 -20.51
N LYS B 149 -11.20 10.58 -21.54
CA LYS B 149 -10.35 10.05 -22.61
C LYS B 149 -9.63 11.19 -23.33
N TYR B 150 -10.29 12.34 -23.48
CA TYR B 150 -9.74 13.45 -24.23
C TYR B 150 -9.24 14.59 -23.36
N CYS B 151 -9.06 14.37 -22.05
CA CYS B 151 -8.54 15.37 -21.15
C CYS B 151 -7.37 14.81 -20.34
N ARG B 152 -6.45 14.15 -21.03
CA ARG B 152 -5.23 13.65 -20.41
C ARG B 152 -4.03 14.10 -21.24
N PRO B 153 -2.85 14.21 -20.63
CA PRO B 153 -1.67 14.66 -21.38
C PRO B 153 -1.31 13.68 -22.49
N ASN B 154 -0.79 14.23 -23.58
CA ASN B 154 -0.36 13.46 -24.74
C ASN B 154 -1.51 12.62 -25.31
N SER B 155 -2.69 13.22 -25.37
CA SER B 155 -3.87 12.56 -25.94
C SER B 155 -4.35 13.29 -27.20
N ASN B 201 -0.10 27.78 -19.45
CA ASN B 201 0.57 27.96 -18.17
C ASN B 201 -0.11 27.15 -17.07
N TYR B 202 -0.95 26.20 -17.48
CA TYR B 202 -1.66 25.32 -16.56
C TYR B 202 -1.46 23.87 -16.98
N ASP B 203 -1.64 22.97 -16.02
CA ASP B 203 -1.42 21.55 -16.27
C ASP B 203 -2.52 20.99 -17.19
N ALA B 204 -2.25 19.83 -17.77
CA ALA B 204 -3.11 19.21 -18.77
C ALA B 204 -3.82 17.96 -18.23
N GLN B 205 -4.24 18.00 -16.97
CA GLN B 205 -4.99 16.91 -16.36
C GLN B 205 -6.27 17.46 -15.74
N PHE B 206 -7.37 16.73 -15.90
CA PHE B 206 -8.66 17.23 -15.44
C PHE B 206 -8.77 17.19 -13.92
N HIS B 207 -8.36 16.09 -13.30
CA HIS B 207 -8.50 15.94 -11.86
C HIS B 207 -7.70 17.00 -11.12
N ASP B 208 -6.44 17.18 -11.52
CA ASP B 208 -5.57 18.13 -10.82
C ASP B 208 -6.06 19.56 -10.98
N GLN B 209 -6.45 19.94 -12.19
CA GLN B 209 -6.97 21.29 -12.42
C GLN B 209 -8.24 21.52 -11.62
N PHE B 210 -9.14 20.53 -11.63
CA PHE B 210 -10.41 20.67 -10.92
C PHE B 210 -10.19 20.81 -9.42
N LYS B 211 -9.26 20.04 -8.86
CA LYS B 211 -8.97 20.18 -7.44
C LYS B 211 -8.25 21.48 -7.13
N ALA B 212 -7.44 21.98 -8.07
CA ALA B 212 -6.66 23.18 -7.81
C ALA B 212 -7.52 24.43 -7.84
N ARG B 213 -8.44 24.53 -8.80
CA ARG B 213 -9.16 25.79 -8.98
C ARG B 213 -10.14 26.07 -7.84
N LEU B 214 -10.64 25.04 -7.17
CA LEU B 214 -11.50 25.23 -6.01
C LEU B 214 -10.74 25.32 -4.70
N LEU B 215 -9.41 25.35 -4.73
CA LEU B 215 -8.66 25.51 -3.50
C LEU B 215 -8.97 26.84 -2.81
N LYS B 216 -9.36 27.85 -3.58
CA LYS B 216 -9.68 29.15 -3.01
C LYS B 216 -11.12 29.26 -2.53
N HIS B 217 -11.99 28.32 -2.89
CA HIS B 217 -13.39 28.37 -2.48
C HIS B 217 -13.74 27.34 -1.41
N THR B 218 -12.88 26.35 -1.16
CA THR B 218 -13.11 25.33 -0.14
C THR B 218 -14.42 24.58 -0.39
N ILE B 219 -14.48 23.91 -1.53
CA ILE B 219 -15.65 23.13 -1.92
C ILE B 219 -15.25 21.67 -2.08
N PRO B 220 -15.75 20.77 -1.23
CA PRO B 220 -15.37 19.35 -1.35
C PRO B 220 -16.06 18.73 -2.56
N THR B 221 -15.25 18.15 -3.45
CA THR B 221 -15.76 17.54 -4.68
C THR B 221 -15.22 16.14 -4.84
N GLN B 222 -16.04 15.27 -5.42
CA GLN B 222 -15.66 13.90 -5.72
C GLN B 222 -15.98 13.63 -7.19
N ILE B 223 -14.98 13.17 -7.94
CA ILE B 223 -15.09 13.00 -9.38
C ILE B 223 -15.27 11.52 -9.68
N PHE B 224 -16.35 11.18 -10.39
CA PHE B 224 -16.61 9.82 -10.83
C PHE B 224 -16.83 9.80 -12.33
N ARG B 225 -16.39 8.71 -12.96
CA ARG B 225 -16.73 8.45 -14.35
C ARG B 225 -18.04 7.68 -14.43
N GLU B 226 -18.70 7.75 -15.59
CA GLU B 226 -19.92 6.98 -15.77
C GLU B 226 -19.64 5.49 -15.84
N SER B 227 -18.46 5.10 -16.34
CA SER B 227 -18.13 3.70 -16.52
C SER B 227 -17.91 2.97 -15.19
N THR B 228 -17.55 3.68 -14.13
CA THR B 228 -17.29 3.04 -12.83
C THR B 228 -18.56 2.80 -12.03
N LEU B 229 -19.48 3.76 -11.99
CA LEU B 229 -20.71 3.58 -11.23
C LEU B 229 -21.67 2.62 -11.92
N ALA B 230 -21.51 2.38 -13.21
CA ALA B 230 -22.39 1.54 -14.01
C ALA B 230 -21.59 0.56 -14.86
N TRP B 231 -20.65 -0.14 -14.22
CA TRP B 231 -19.75 -1.01 -14.96
C TRP B 231 -20.49 -2.11 -15.71
N ARG B 232 -21.62 -2.58 -15.17
CA ARG B 232 -22.39 -3.60 -15.86
C ARG B 232 -23.00 -3.09 -17.15
N ASP B 233 -23.49 -1.84 -17.16
CA ASP B 233 -24.14 -1.30 -18.35
C ASP B 233 -23.16 -1.09 -19.50
N PHE B 234 -21.94 -0.64 -19.20
CA PHE B 234 -20.97 -0.30 -20.24
C PHE B 234 -20.26 -1.57 -20.71
N LYS B 235 -20.30 -1.82 -22.01
CA LYS B 235 -19.74 -3.03 -22.59
C LYS B 235 -18.90 -2.67 -23.81
N ASN B 236 -17.99 -3.57 -24.17
CA ASN B 236 -17.10 -3.40 -25.30
C ASN B 236 -17.80 -3.87 -26.59
N ALA B 237 -17.04 -3.96 -27.67
CA ALA B 237 -17.57 -4.56 -28.89
C ALA B 237 -17.66 -6.08 -28.78
N PHE B 238 -16.94 -6.68 -27.84
CA PHE B 238 -17.00 -8.11 -27.59
C PHE B 238 -18.20 -8.51 -26.75
N GLY B 239 -18.97 -7.54 -26.25
CA GLY B 239 -20.08 -7.81 -25.37
C GLY B 239 -19.73 -7.90 -23.90
N LEU B 240 -18.43 -7.83 -23.55
CA LEU B 240 -17.94 -7.92 -22.18
C LEU B 240 -17.81 -6.53 -21.56
N PRO B 241 -17.92 -6.42 -20.24
CA PRO B 241 -17.75 -5.12 -19.59
C PRO B 241 -16.34 -4.59 -19.76
N ILE B 242 -16.22 -3.25 -19.82
CA ILE B 242 -14.90 -2.64 -19.83
C ILE B 242 -14.19 -2.88 -18.51
N ARG B 243 -14.88 -2.69 -17.39
CA ARG B 243 -14.29 -2.78 -16.06
C ARG B 243 -15.04 -3.88 -15.30
N ASP B 244 -14.38 -5.01 -15.07
CA ASP B 244 -15.02 -6.13 -14.41
C ASP B 244 -14.88 -5.97 -12.89
N PHE B 245 -15.97 -5.53 -12.25
CA PHE B 245 -16.00 -5.37 -10.79
C PHE B 245 -16.87 -6.41 -10.13
N SER B 246 -17.24 -7.48 -10.85
CA SER B 246 -18.08 -8.53 -10.29
C SER B 246 -17.38 -9.31 -9.18
N LYS B 247 -16.07 -9.15 -9.03
CA LYS B 247 -15.32 -9.87 -8.01
C LYS B 247 -15.00 -9.01 -6.78
N ILE B 248 -14.96 -7.69 -6.93
CA ILE B 248 -14.59 -6.79 -5.84
C ILE B 248 -15.64 -5.71 -5.64
N GLU B 249 -16.90 -6.02 -5.94
CA GLU B 249 -17.96 -5.02 -5.80
C GLU B 249 -18.09 -4.55 -4.36
N GLY B 250 -18.02 -5.47 -3.41
CA GLY B 250 -18.12 -5.08 -2.00
C GLY B 250 -17.00 -4.16 -1.57
N HIS B 251 -15.76 -4.47 -2.00
CA HIS B 251 -14.64 -3.62 -1.64
C HIS B 251 -14.75 -2.24 -2.29
N LEU B 252 -15.22 -2.19 -3.54
CA LEU B 252 -15.43 -0.90 -4.20
C LEU B 252 -16.47 -0.07 -3.46
N ALA B 253 -17.58 -0.70 -3.06
CA ALA B 253 -18.59 0.01 -2.30
C ALA B 253 -18.04 0.48 -0.95
N TRP B 254 -17.18 -0.35 -0.33
CA TRP B 254 -16.56 0.04 0.93
C TRP B 254 -15.73 1.30 0.76
N THR B 255 -14.89 1.33 -0.28
CA THR B 255 -14.05 2.51 -0.52
C THR B 255 -14.89 3.74 -0.80
N ILE B 256 -15.92 3.60 -1.65
CA ILE B 256 -16.75 4.75 -1.99
C ILE B 256 -17.48 5.27 -0.75
N SER B 257 -18.02 4.37 0.06
CA SER B 257 -18.74 4.77 1.26
C SER B 257 -17.81 5.47 2.24
N THR B 258 -16.60 4.94 2.43
CA THR B 258 -15.66 5.57 3.35
C THR B 258 -15.26 6.96 2.87
N ALA B 259 -14.99 7.11 1.57
CA ALA B 259 -14.63 8.42 1.04
C ALA B 259 -15.77 9.41 1.19
N ALA B 260 -17.01 8.98 0.90
CA ALA B 260 -18.15 9.87 1.01
C ALA B 260 -18.41 10.27 2.45
N PHE B 261 -18.27 9.33 3.39
CA PHE B 261 -18.47 9.66 4.79
C PHE B 261 -17.40 10.62 5.29
N TYR B 262 -16.14 10.41 4.89
CA TYR B 262 -15.08 11.30 5.34
C TYR B 262 -15.27 12.70 4.78
N LYS B 263 -15.47 12.82 3.47
CA LYS B 263 -15.54 14.14 2.84
C LYS B 263 -16.77 14.92 3.25
N ALA B 264 -17.76 14.29 3.89
CA ALA B 264 -18.93 15.00 4.36
C ALA B 264 -18.74 15.61 5.75
N GLY B 265 -17.70 15.21 6.48
CA GLY B 265 -17.42 15.81 7.76
C GLY B 265 -17.12 14.82 8.88
N GLY B 266 -17.50 13.56 8.67
CA GLY B 266 -17.30 12.56 9.71
C GLY B 266 -15.92 11.94 9.69
N LYS B 267 -15.51 11.42 10.85
CA LYS B 267 -14.24 10.75 11.01
C LYS B 267 -14.45 9.27 11.19
N PRO B 268 -14.12 8.42 10.20
CA PRO B 268 -14.34 6.98 10.38
C PRO B 268 -13.53 6.37 11.52
N TRP B 269 -12.22 6.63 11.58
CA TRP B 269 -11.39 5.98 12.59
C TRP B 269 -10.16 6.81 12.89
N LYS B 270 -9.70 6.72 14.13
CA LYS B 270 -8.41 7.24 14.56
C LYS B 270 -7.69 6.16 15.36
N LEU B 271 -6.36 6.12 15.23
CA LEU B 271 -5.60 5.06 15.86
C LEU B 271 -5.66 5.16 17.38
N SER B 272 -5.51 4.01 18.04
CA SER B 272 -5.86 3.86 19.45
C SER B 272 -4.66 4.08 20.38
N ASP B 273 -3.59 3.32 20.18
CA ASP B 273 -2.40 3.44 21.03
C ASP B 273 -1.61 4.65 20.57
N VAL B 274 -1.70 5.74 21.33
CA VAL B 274 -1.19 7.04 20.91
C VAL B 274 -0.19 7.57 21.94
N ARG B 275 0.87 8.20 21.44
CA ARG B 275 1.74 9.02 22.27
C ARG B 275 1.20 10.44 22.28
N ASN B 276 1.07 11.01 23.47
CA ASN B 276 0.43 12.32 23.60
C ASN B 276 1.33 13.41 23.03
N GLY B 277 0.70 14.38 22.36
CA GLY B 277 1.38 15.58 21.88
C GLY B 277 2.48 15.33 20.87
N VAL B 278 2.21 14.51 19.86
CA VAL B 278 3.19 14.18 18.84
C VAL B 278 2.60 14.47 17.47
N CYS B 279 3.33 15.24 16.66
CA CYS B 279 2.90 15.65 15.33
C CYS B 279 3.85 15.10 14.28
N TYR B 280 3.34 14.89 13.07
CA TYR B 280 4.12 14.36 11.97
C TYR B 280 4.11 15.35 10.82
N LEU B 281 5.25 15.51 10.15
CA LEU B 281 5.37 16.42 9.03
C LEU B 281 6.00 15.70 7.85
N GLY B 282 5.45 15.94 6.66
CA GLY B 282 6.00 15.35 5.46
C GLY B 282 6.26 16.39 4.39
N LEU B 283 7.50 16.45 3.90
CA LEU B 283 7.90 17.42 2.89
C LEU B 283 7.67 16.86 1.49
N VAL B 284 7.29 17.73 0.57
CA VAL B 284 7.09 17.36 -0.82
C VAL B 284 7.69 18.43 -1.71
N TYR B 285 8.57 18.04 -2.62
CA TYR B 285 9.15 18.93 -3.61
C TYR B 285 8.67 18.53 -5.00
N LYS B 286 8.54 19.52 -5.87
CA LYS B 286 8.15 19.27 -7.26
C LYS B 286 8.81 20.29 -8.16
N LYS B 287 9.51 19.80 -9.18
CA LYS B 287 10.10 20.69 -10.17
C LYS B 287 9.01 21.18 -11.12
N VAL B 288 8.97 22.48 -11.36
CA VAL B 288 8.02 23.07 -12.28
C VAL B 288 8.60 23.03 -13.69
N GLU B 289 7.87 22.39 -14.60
CA GLU B 289 8.38 22.19 -15.96
C GLU B 289 8.31 23.46 -16.79
N LYS B 290 7.27 24.28 -16.58
CA LYS B 290 7.07 25.47 -17.40
C LYS B 290 8.14 26.53 -17.19
N SER B 291 8.79 26.54 -16.03
CA SER B 291 9.72 27.62 -15.70
C SER B 291 10.93 27.60 -16.62
N LYS B 292 11.37 28.79 -17.03
CA LYS B 292 12.54 28.91 -17.88
C LYS B 292 13.79 28.44 -17.16
N ASN B 293 13.95 28.81 -15.90
CA ASN B 293 15.09 28.36 -15.11
C ASN B 293 14.87 26.93 -14.66
N PRO B 294 15.76 25.99 -15.01
CA PRO B 294 15.54 24.59 -14.61
C PRO B 294 15.54 24.36 -13.11
N ARG B 295 16.09 25.29 -12.32
CA ARG B 295 16.21 25.05 -10.89
C ARG B 295 14.97 25.40 -10.09
N ASN B 296 13.98 26.04 -10.69
CA ASN B 296 12.77 26.41 -9.97
C ASN B 296 12.03 25.17 -9.46
N ALA B 297 11.59 25.22 -8.21
CA ALA B 297 10.88 24.10 -7.60
C ALA B 297 9.88 24.66 -6.59
N CYS B 298 8.91 23.83 -6.23
CA CYS B 298 7.86 24.18 -5.29
C CYS B 298 7.81 23.16 -4.17
N CYS B 299 7.48 23.63 -2.97
CA CYS B 299 7.50 22.80 -1.77
C CYS B 299 6.17 22.87 -1.05
N ALA B 300 5.84 21.78 -0.37
CA ALA B 300 4.62 21.70 0.42
C ALA B 300 4.86 20.83 1.64
N ALA B 301 4.08 21.06 2.69
CA ALA B 301 4.22 20.32 3.93
C ALA B 301 2.87 19.75 4.34
N GLN B 302 2.80 18.44 4.49
CA GLN B 302 1.59 17.76 4.95
C GLN B 302 1.75 17.41 6.41
N MET B 303 0.83 17.90 7.24
CA MET B 303 0.92 17.79 8.69
C MET B 303 -0.16 16.86 9.21
N PHE B 304 0.24 15.90 10.05
CA PHE B 304 -0.67 14.89 10.55
C PHE B 304 -0.62 14.81 12.07
N LEU B 305 -1.76 14.46 12.65
CA LEU B 305 -1.97 14.26 14.06
C LEU B 305 -2.48 12.84 14.31
N ASP B 306 -2.94 12.61 15.54
CA ASP B 306 -3.57 11.33 15.89
C ASP B 306 -4.69 10.97 14.91
N ASN B 307 -5.55 11.93 14.59
CA ASN B 307 -6.82 11.62 13.93
C ASN B 307 -6.67 11.19 12.48
N GLY B 308 -5.51 11.36 11.86
CA GLY B 308 -5.38 11.04 10.46
C GLY B 308 -6.04 11.99 9.49
N ASP B 309 -6.57 13.11 9.98
CA ASP B 309 -7.13 14.16 9.13
C ASP B 309 -6.11 15.28 9.05
N GLY B 310 -5.26 15.24 8.03
CA GLY B 310 -4.13 16.14 7.97
C GLY B 310 -4.44 17.48 7.34
N THR B 311 -3.49 18.40 7.51
CA THR B 311 -3.55 19.72 6.92
C THR B 311 -2.43 19.86 5.90
N VAL B 312 -2.59 20.78 4.95
CA VAL B 312 -1.62 21.00 3.89
C VAL B 312 -1.19 22.46 3.92
N PHE B 313 0.12 22.70 3.92
CA PHE B 313 0.69 24.03 3.89
C PHE B 313 1.47 24.20 2.60
N LYS B 314 1.25 25.32 1.92
CA LYS B 314 1.89 25.61 0.65
C LYS B 314 3.11 26.50 0.87
N GLY B 315 4.20 26.17 0.18
CA GLY B 315 5.42 26.95 0.26
C GLY B 315 5.60 27.86 -0.95
N GLU B 316 6.61 28.72 -0.85
CA GLU B 316 6.93 29.65 -1.93
C GLU B 316 7.79 28.96 -2.99
N VAL B 317 7.44 29.17 -4.25
CA VAL B 317 8.17 28.57 -5.35
C VAL B 317 9.52 29.26 -5.51
N GLY B 318 10.58 28.46 -5.63
CA GLY B 318 11.91 29.00 -5.76
C GLY B 318 12.89 27.99 -6.32
N PRO B 319 14.18 28.37 -6.37
CA PRO B 319 15.22 27.48 -6.93
C PRO B 319 15.73 26.43 -5.95
N TRP B 320 14.97 25.34 -5.83
CA TRP B 320 15.30 24.28 -4.88
C TRP B 320 15.92 23.05 -5.54
N TYR B 321 15.81 22.91 -6.86
CA TYR B 321 16.27 21.71 -7.55
C TYR B 321 17.66 21.92 -8.11
N ASN B 322 18.58 21.01 -7.78
CA ASN B 322 19.92 21.01 -8.32
C ASN B 322 19.97 20.02 -9.48
N PRO B 323 20.18 20.46 -10.72
CA PRO B 323 20.18 19.51 -11.85
C PRO B 323 21.43 18.65 -11.92
N LYS B 324 22.45 18.94 -11.10
CA LYS B 324 23.67 18.13 -11.13
C LYS B 324 23.43 16.76 -10.50
N ASN B 325 23.08 16.73 -9.22
CA ASN B 325 22.90 15.49 -8.47
C ASN B 325 21.44 15.15 -8.22
N GLY B 326 20.50 16.01 -8.61
CA GLY B 326 19.10 15.66 -8.58
C GLY B 326 18.46 15.61 -7.21
N GLN B 327 19.01 16.31 -6.22
CA GLN B 327 18.40 16.39 -4.91
C GLN B 327 17.88 17.80 -4.66
N TYR B 328 16.76 17.89 -3.94
CA TYR B 328 16.10 19.15 -3.65
C TYR B 328 16.47 19.64 -2.27
N HIS B 329 16.66 20.95 -2.14
CA HIS B 329 16.97 21.56 -0.85
C HIS B 329 16.39 22.97 -0.82
N LEU B 330 16.03 23.43 0.37
CA LEU B 330 15.38 24.72 0.56
C LEU B 330 16.37 25.77 1.02
N GLU B 331 16.07 27.02 0.67
CA GLU B 331 16.78 28.15 1.25
C GLU B 331 16.28 28.39 2.67
N PRO B 332 17.08 29.06 3.51
CA PRO B 332 16.69 29.22 4.91
C PRO B 332 15.35 29.89 5.13
N LYS B 333 15.02 30.91 4.33
CA LYS B 333 13.80 31.69 4.58
C LYS B 333 12.55 30.84 4.39
N GLU B 334 12.49 30.07 3.30
CA GLU B 334 11.32 29.24 3.05
C GLU B 334 11.19 28.15 4.10
N ALA B 335 12.31 27.59 4.56
CA ALA B 335 12.26 26.61 5.63
C ALA B 335 11.69 27.21 6.90
N LYS B 336 12.15 28.41 7.27
CA LYS B 336 11.58 29.08 8.44
C LYS B 336 10.09 29.30 8.28
N ALA B 337 9.67 29.77 7.10
CA ALA B 337 8.26 30.05 6.87
C ALA B 337 7.42 28.79 7.01
N LEU B 338 7.84 27.70 6.35
CA LEU B 338 7.08 26.47 6.39
C LEU B 338 6.97 25.92 7.80
N LEU B 339 8.09 25.87 8.52
CA LEU B 339 8.04 25.32 9.88
C LEU B 339 7.22 26.21 10.80
N SER B 340 7.36 27.54 10.68
CA SER B 340 6.59 28.45 11.52
C SER B 340 5.10 28.27 11.29
N GLN B 341 4.69 28.13 10.02
CA GLN B 341 3.29 27.86 9.73
C GLN B 341 2.86 26.54 10.35
N SER B 342 3.72 25.52 10.29
CA SER B 342 3.38 24.21 10.82
C SER B 342 3.08 24.28 12.33
N LEU B 343 4.00 24.84 13.11
CA LEU B 343 3.71 24.89 14.54
C LEU B 343 2.65 25.92 14.90
N GLN B 344 2.47 26.98 14.10
CA GLN B 344 1.35 27.88 14.34
C GLN B 344 0.02 27.16 14.18
N SER B 345 -0.09 26.34 13.12
CA SER B 345 -1.30 25.53 12.94
C SER B 345 -1.47 24.54 14.08
N TYR B 346 -0.39 23.92 14.53
CA TYR B 346 -0.51 22.97 15.65
C TYR B 346 -1.01 23.67 16.91
N LYS B 347 -0.46 24.85 17.21
CA LYS B 347 -0.92 25.59 18.38
C LYS B 347 -2.38 25.99 18.24
N GLU B 348 -2.79 26.38 17.03
CA GLU B 348 -4.19 26.74 16.82
C GLU B 348 -5.11 25.54 17.05
N GLN B 349 -4.70 24.35 16.58
CA GLN B 349 -5.55 23.18 16.69
C GLN B 349 -5.63 22.65 18.12
N ILE B 350 -4.49 22.61 18.81
CA ILE B 350 -4.42 22.00 20.14
C ILE B 350 -4.37 23.05 21.24
N GLY B 351 -3.39 23.95 21.17
CA GLY B 351 -3.22 24.97 22.18
C GLY B 351 -1.88 24.97 22.89
N GLU B 352 -1.13 23.87 22.81
CA GLU B 352 0.18 23.77 23.41
C GLU B 352 1.19 23.32 22.36
N TYR B 353 2.45 23.68 22.58
CA TYR B 353 3.50 23.33 21.63
C TYR B 353 3.72 21.83 21.64
N PRO B 354 4.01 21.22 20.48
CA PRO B 354 4.17 19.77 20.44
C PRO B 354 5.41 19.31 21.19
N LYS B 355 5.32 18.11 21.77
CA LYS B 355 6.46 17.54 22.47
C LYS B 355 7.50 17.00 21.50
N GLU B 356 7.07 16.47 20.35
CA GLU B 356 7.98 15.93 19.36
C GLU B 356 7.49 16.30 17.97
N VAL B 357 8.44 16.37 17.03
CA VAL B 357 8.16 16.70 15.64
C VAL B 357 8.96 15.76 14.75
N PHE B 358 8.32 15.21 13.72
CA PHE B 358 8.96 14.33 12.77
C PHE B 358 8.78 14.91 11.37
N ILE B 359 9.86 14.99 10.61
CA ILE B 359 9.84 15.55 9.26
C ILE B 359 10.24 14.43 8.31
N HIS B 360 9.25 13.73 7.77
CA HIS B 360 9.51 12.65 6.83
C HIS B 360 9.77 13.22 5.44
N ALA B 361 10.76 12.65 4.75
CA ALA B 361 11.12 13.11 3.42
C ALA B 361 11.81 11.97 2.68
N LYS B 362 11.92 12.14 1.36
CA LYS B 362 12.53 11.13 0.51
C LYS B 362 14.03 11.30 0.33
N THR B 363 14.60 12.40 0.81
CA THR B 363 16.02 12.67 0.63
C THR B 363 16.60 13.26 1.91
N ARG B 364 17.92 13.14 2.04
CA ARG B 364 18.61 13.65 3.22
C ARG B 364 18.62 15.17 3.24
N PHE B 365 18.74 15.72 4.44
CA PHE B 365 18.80 17.17 4.65
C PHE B 365 20.25 17.62 4.78
N ASN B 366 20.58 18.71 4.11
CA ASN B 366 21.91 19.31 4.25
C ASN B 366 21.90 20.30 5.42
N HIS B 367 23.07 20.83 5.74
CA HIS B 367 23.26 21.48 7.04
C HIS B 367 22.54 22.83 7.12
N GLN B 368 22.58 23.63 6.07
CA GLN B 368 21.94 24.94 6.12
C GLN B 368 20.43 24.82 6.26
N GLU B 369 19.83 23.85 5.56
CA GLU B 369 18.40 23.61 5.73
C GLU B 369 18.07 23.26 7.17
N TRP B 370 18.88 22.40 7.79
CA TRP B 370 18.55 21.92 9.12
C TRP B 370 18.78 23.00 10.18
N ASP B 371 19.83 23.82 10.04
CA ASP B 371 20.00 24.88 11.02
C ASP B 371 18.94 25.96 10.85
N ALA B 372 18.52 26.23 9.61
CA ALA B 372 17.40 27.13 9.39
C ALA B 372 16.13 26.60 10.06
N PHE B 373 15.88 25.29 9.92
CA PHE B 373 14.73 24.69 10.59
C PHE B 373 14.85 24.82 12.10
N LEU B 374 16.04 24.56 12.64
CA LEU B 374 16.24 24.60 14.09
C LEU B 374 16.18 26.01 14.66
N GLU B 375 16.33 27.03 13.80
CA GLU B 375 16.21 28.40 14.29
C GLU B 375 14.83 28.68 14.89
N VAL B 376 13.78 28.16 14.26
CA VAL B 376 12.41 28.54 14.63
C VAL B 376 11.83 27.73 15.78
N THR B 377 12.17 26.45 15.89
CA THR B 377 11.48 25.58 16.83
C THR B 377 11.73 26.00 18.27
N PRO B 378 10.69 25.99 19.12
CA PRO B 378 10.91 26.21 20.55
C PRO B 378 11.83 25.16 21.13
N LYS B 379 12.62 25.58 22.13
CA LYS B 379 13.61 24.69 22.71
C LYS B 379 12.99 23.54 23.49
N GLU B 380 11.73 23.68 23.92
CA GLU B 380 11.08 22.61 24.68
C GLU B 380 10.65 21.45 23.80
N THR B 381 10.72 21.59 22.47
CA THR B 381 10.30 20.54 21.55
C THR B 381 11.51 19.82 20.98
N ASN B 382 11.37 18.53 20.76
CA ASN B 382 12.42 17.70 20.18
C ASN B 382 12.12 17.48 18.70
N LEU B 383 13.13 17.70 17.86
CA LEU B 383 12.99 17.59 16.41
C LEU B 383 13.73 16.35 15.92
N VAL B 384 13.07 15.57 15.07
CA VAL B 384 13.67 14.42 14.41
C VAL B 384 13.42 14.55 12.92
N GLY B 385 14.44 14.24 12.12
CA GLY B 385 14.29 14.27 10.68
C GLY B 385 14.66 12.94 10.07
N VAL B 386 13.68 12.29 9.45
CA VAL B 386 13.78 10.93 8.96
C VAL B 386 13.71 10.92 7.44
N THR B 387 14.37 9.95 6.83
CA THR B 387 14.35 9.76 5.38
C THR B 387 13.81 8.37 5.08
N ILE B 388 12.84 8.30 4.17
CA ILE B 388 12.20 7.05 3.79
C ILE B 388 12.34 6.89 2.28
N SER B 389 12.91 5.77 1.85
CA SER B 389 13.14 5.51 0.43
C SER B 389 12.92 4.04 0.14
N LYS B 390 12.42 3.75 -1.06
CA LYS B 390 12.05 2.41 -1.47
C LYS B 390 13.09 1.75 -2.37
N THR B 391 14.25 2.37 -2.54
CA THR B 391 15.20 1.96 -3.57
C THR B 391 16.25 0.96 -3.10
N LYS B 392 16.20 0.52 -1.85
CA LYS B 392 17.17 -0.46 -1.37
C LYS B 392 16.72 -1.87 -1.75
N PRO B 393 17.47 -2.58 -2.59
CA PRO B 393 17.04 -3.90 -3.09
C PRO B 393 17.49 -5.08 -2.22
N LEU B 394 16.82 -5.24 -1.08
CA LEU B 394 17.04 -6.38 -0.21
C LEU B 394 15.74 -7.17 -0.14
N LYS B 395 15.76 -8.40 -0.64
CA LYS B 395 14.58 -9.26 -0.68
C LYS B 395 14.86 -10.52 0.14
N LEU B 396 13.96 -10.83 1.07
CA LEU B 396 14.06 -12.03 1.88
C LEU B 396 13.15 -13.11 1.31
N TYR B 397 13.68 -14.32 1.17
CA TYR B 397 12.95 -15.44 0.60
C TYR B 397 12.74 -16.50 1.66
N LYS B 398 11.49 -16.93 1.83
CA LYS B 398 11.20 -18.04 2.73
C LYS B 398 11.70 -19.35 2.12
N THR B 399 12.24 -20.22 2.98
CA THR B 399 12.85 -21.45 2.48
C THR B 399 11.80 -22.45 2.01
N GLU B 400 10.63 -22.47 2.65
CA GLU B 400 9.57 -23.40 2.29
C GLU B 400 8.26 -22.65 2.12
N GLY B 401 7.40 -23.17 1.24
CA GLY B 401 6.13 -22.53 0.99
C GLY B 401 6.24 -21.36 0.02
N ASP B 402 5.20 -21.20 -0.79
CA ASP B 402 5.18 -20.15 -1.80
C ASP B 402 4.93 -18.77 -1.22
N TYR B 403 4.57 -18.66 0.05
CA TYR B 403 4.24 -17.38 0.64
C TYR B 403 5.50 -16.63 1.06
N THR B 404 5.36 -15.32 1.21
CA THR B 404 6.48 -14.43 1.47
C THR B 404 6.61 -14.16 2.96
N ILE B 405 7.48 -13.20 3.31
CA ILE B 405 7.76 -12.89 4.71
C ILE B 405 6.56 -12.18 5.34
N LEU B 406 6.33 -12.48 6.61
CA LEU B 406 5.26 -11.83 7.36
C LEU B 406 5.49 -10.33 7.46
N ARG B 407 4.41 -9.57 7.34
CA ARG B 407 4.48 -8.12 7.47
C ARG B 407 4.77 -7.73 8.91
N GLY B 408 5.66 -6.75 9.08
CA GLY B 408 6.02 -6.22 10.38
C GLY B 408 7.42 -6.56 10.84
N ASN B 409 8.03 -7.60 10.27
CA ASN B 409 9.39 -7.95 10.63
C ASN B 409 10.35 -6.85 10.19
N ALA B 410 11.33 -6.54 11.03
CA ALA B 410 12.29 -5.48 10.76
C ALA B 410 13.70 -5.97 11.02
N TYR B 411 14.64 -5.41 10.26
CA TYR B 411 16.07 -5.68 10.42
C TYR B 411 16.75 -4.35 10.75
N VAL B 412 17.06 -4.14 12.03
CA VAL B 412 17.70 -2.91 12.46
C VAL B 412 19.20 -3.00 12.17
N VAL B 413 19.64 -2.24 11.17
CA VAL B 413 21.06 -2.27 10.79
C VAL B 413 21.91 -1.65 11.90
N ASN B 414 21.52 -0.48 12.39
CA ASN B 414 22.24 0.17 13.47
C ASN B 414 21.32 1.21 14.08
N GLU B 415 21.77 1.81 15.18
CA GLU B 415 20.94 2.70 15.99
C GLU B 415 20.52 3.96 15.25
N ARG B 416 20.86 4.09 13.97
CA ARG B 416 20.45 5.24 13.17
C ARG B 416 19.75 4.82 11.89
N SER B 417 19.82 3.54 11.49
CA SER B 417 19.25 3.13 10.23
C SER B 417 18.74 1.70 10.32
N ALA B 418 17.66 1.42 9.60
CA ALA B 418 17.01 0.11 9.66
C ALA B 418 16.15 -0.09 8.43
N PHE B 419 15.72 -1.33 8.25
CA PHE B 419 14.70 -1.70 7.26
C PHE B 419 13.36 -1.89 7.97
N LEU B 420 12.31 -1.93 7.16
CA LEU B 420 10.97 -2.22 7.71
C LEU B 420 10.11 -2.83 6.61
N TRP B 421 9.54 -4.00 6.89
CA TRP B 421 8.67 -4.71 5.95
C TRP B 421 7.23 -4.33 6.24
N THR B 422 6.76 -3.26 5.61
CA THR B 422 5.39 -2.79 5.80
C THR B 422 4.40 -3.41 4.80
N VAL B 423 4.86 -4.18 3.83
CA VAL B 423 3.99 -4.70 2.79
C VAL B 423 4.15 -6.21 2.68
N GLY B 424 4.50 -6.85 3.80
CA GLY B 424 4.67 -8.29 3.83
C GLY B 424 3.34 -9.01 4.00
N TYR B 425 3.44 -10.32 4.21
CA TYR B 425 2.27 -11.15 4.38
C TYR B 425 1.59 -10.88 5.72
N VAL B 426 0.27 -11.05 5.74
CA VAL B 426 -0.51 -10.86 6.96
C VAL B 426 -1.43 -12.07 7.15
N PRO B 427 -1.66 -12.53 8.38
CA PRO B 427 -2.55 -13.68 8.58
C PRO B 427 -4.01 -13.30 8.78
N LYS B 428 -4.31 -12.02 9.03
CA LYS B 428 -5.69 -11.63 9.34
C LYS B 428 -6.62 -11.95 8.17
N ILE B 429 -6.19 -11.67 6.95
CA ILE B 429 -6.99 -11.97 5.77
C ILE B 429 -6.34 -13.06 4.92
N GLN B 430 -5.30 -13.72 5.44
CA GLN B 430 -4.69 -14.89 4.82
C GLN B 430 -4.17 -14.61 3.42
N THR B 431 -3.73 -13.39 3.17
CA THR B 431 -3.15 -13.03 1.87
C THR B 431 -2.27 -11.80 2.05
N ALA B 432 -1.11 -11.81 1.38
CA ALA B 432 -0.23 -10.65 1.42
C ALA B 432 -0.84 -9.48 0.65
N LEU B 433 -0.39 -8.28 0.99
CA LEU B 433 -0.93 -7.07 0.38
C LEU B 433 -0.45 -6.85 -1.05
N SER B 434 0.73 -7.35 -1.40
CA SER B 434 1.33 -7.09 -2.70
C SER B 434 1.73 -8.39 -3.36
N MET B 435 2.00 -8.32 -4.66
CA MET B 435 2.40 -9.46 -5.46
C MET B 435 3.93 -9.51 -5.56
N GLU B 436 4.42 -10.61 -6.16
CA GLU B 436 5.85 -10.86 -6.37
C GLU B 436 6.51 -10.91 -5.00
N VAL B 437 7.58 -10.15 -4.75
CA VAL B 437 8.27 -10.18 -3.46
C VAL B 437 8.40 -8.75 -2.95
N PRO B 438 8.08 -8.50 -1.68
CA PRO B 438 8.08 -7.13 -1.17
C PRO B 438 9.47 -6.52 -1.14
N ASN B 439 9.51 -5.19 -1.31
CA ASN B 439 10.71 -4.40 -1.11
C ASN B 439 10.54 -3.53 0.12
N PRO B 440 11.33 -3.71 1.17
CA PRO B 440 11.10 -3.00 2.43
C PRO B 440 11.46 -1.53 2.32
N LEU B 441 10.93 -0.75 3.26
CA LEU B 441 11.26 0.66 3.39
C LEU B 441 12.57 0.81 4.16
N PHE B 442 13.39 1.75 3.71
CA PHE B 442 14.65 2.07 4.39
C PHE B 442 14.43 3.30 5.26
N ILE B 443 14.40 3.10 6.58
CA ILE B 443 14.15 4.17 7.53
C ILE B 443 15.47 4.51 8.20
N GLU B 444 15.98 5.70 7.91
CA GLU B 444 17.24 6.16 8.50
C GLU B 444 16.99 7.49 9.19
N ILE B 445 17.33 7.57 10.47
CA ILE B 445 17.18 8.81 11.22
C ILE B 445 18.28 9.75 10.75
N ASN B 446 17.94 10.66 9.84
CA ASN B 446 18.95 11.51 9.24
C ASN B 446 19.45 12.56 10.21
N LYS B 447 18.56 13.20 10.95
CA LYS B 447 18.96 14.24 11.90
C LYS B 447 18.20 14.09 13.20
N GLY B 448 18.83 14.51 14.29
CA GLY B 448 18.22 14.43 15.61
C GLY B 448 18.47 13.09 16.28
N GLU B 449 18.06 13.03 17.55
CA GLU B 449 18.26 11.85 18.38
C GLU B 449 16.90 11.29 18.77
N ALA B 450 16.66 10.03 18.41
CA ALA B 450 15.42 9.35 18.76
C ALA B 450 15.66 7.85 18.69
N ASP B 451 14.90 7.10 19.48
CA ASP B 451 15.03 5.65 19.50
C ASP B 451 14.52 5.10 18.17
N ILE B 452 15.27 4.16 17.59
CA ILE B 452 14.91 3.61 16.29
C ILE B 452 13.66 2.76 16.40
N LYS B 453 13.50 2.02 17.49
CA LYS B 453 12.33 1.14 17.64
C LYS B 453 11.04 1.94 17.73
N GLN B 454 11.05 3.04 18.46
CA GLN B 454 9.86 3.89 18.53
C GLN B 454 9.53 4.49 17.17
N VAL B 455 10.55 4.87 16.41
CA VAL B 455 10.33 5.39 15.06
C VAL B 455 9.73 4.32 14.17
N LEU B 456 10.22 3.08 14.28
CA LEU B 456 9.67 1.99 13.49
C LEU B 456 8.20 1.75 13.82
N LYS B 457 7.87 1.71 15.11
CA LYS B 457 6.47 1.53 15.50
C LYS B 457 5.60 2.68 15.03
N ASP B 458 6.13 3.91 15.12
CA ASP B 458 5.37 5.08 14.68
C ASP B 458 5.09 5.02 13.19
N ILE B 459 6.10 4.68 12.39
CA ILE B 459 5.92 4.63 10.95
C ILE B 459 4.98 3.49 10.57
N LEU B 460 5.05 2.37 11.27
CA LEU B 460 4.11 1.29 11.01
C LEU B 460 2.68 1.72 11.34
N SER B 461 2.50 2.46 12.45
CA SER B 461 1.18 2.95 12.82
C SER B 461 0.65 3.95 11.80
N LEU B 462 1.53 4.77 11.23
CA LEU B 462 1.10 5.79 10.26
C LEU B 462 0.59 5.20 8.96
N THR B 463 0.54 3.88 8.82
CA THR B 463 0.10 3.26 7.58
C THR B 463 -1.39 2.91 7.59
N LYS B 464 -2.08 3.07 8.70
CA LYS B 464 -3.48 2.68 8.81
C LYS B 464 -4.45 3.84 8.61
N LEU B 465 -3.97 5.03 8.28
CA LEU B 465 -4.81 6.22 8.18
C LEU B 465 -4.86 6.65 6.72
N ASN B 466 -5.78 6.06 5.96
CA ASN B 466 -6.00 6.45 4.56
C ASN B 466 -7.49 6.32 4.29
N TYR B 467 -8.24 7.41 4.46
CA TYR B 467 -9.69 7.36 4.34
C TYR B 467 -10.15 7.17 2.91
N ASN B 468 -9.28 7.39 1.92
CA ASN B 468 -9.68 7.21 0.53
C ASN B 468 -9.87 5.74 0.16
N ALA B 469 -9.40 4.83 1.01
CA ALA B 469 -9.52 3.40 0.72
C ALA B 469 -9.58 2.66 2.05
N CYS B 470 -10.74 2.08 2.37
CA CYS B 470 -10.92 1.31 3.59
C CYS B 470 -10.30 -0.08 3.38
N ILE B 471 -8.97 -0.11 3.44
CA ILE B 471 -8.20 -1.32 3.22
C ILE B 471 -7.42 -1.63 4.50
N PHE B 472 -6.82 -2.83 4.54
CA PHE B 472 -6.15 -3.28 5.75
C PHE B 472 -4.97 -2.38 6.10
N ALA B 473 -4.14 -2.03 5.11
CA ALA B 473 -2.98 -1.19 5.33
C ALA B 473 -2.40 -0.80 3.97
N ASP B 474 -1.38 0.04 4.00
CA ASP B 474 -0.66 0.46 2.80
C ASP B 474 0.83 0.40 3.07
N GLY B 475 1.60 0.19 2.01
CA GLY B 475 3.04 0.03 2.14
C GLY B 475 3.82 1.30 2.37
N GLU B 476 3.19 2.46 2.23
CA GLU B 476 3.87 3.73 2.44
C GLU B 476 3.15 4.55 3.51
N PRO B 477 3.88 5.23 4.37
CA PRO B 477 3.24 6.07 5.38
C PRO B 477 2.41 7.17 4.74
N VAL B 478 1.32 7.54 5.41
CA VAL B 478 0.38 8.49 4.82
C VAL B 478 1.02 9.85 4.62
N THR B 479 2.01 10.21 5.44
CA THR B 479 2.67 11.51 5.28
C THR B 479 3.40 11.62 3.95
N LEU B 480 3.78 10.50 3.34
CA LEU B 480 4.45 10.50 2.05
C LEU B 480 3.69 9.74 0.98
N ARG B 481 2.55 9.13 1.32
CA ARG B 481 1.79 8.36 0.33
C ARG B 481 1.27 9.24 -0.78
N PHE B 482 0.82 10.45 -0.45
CA PHE B 482 0.18 11.35 -1.40
C PHE B 482 1.11 12.46 -1.87
N ALA B 483 2.40 12.16 -2.05
CA ALA B 483 3.35 13.18 -2.47
C ALA B 483 3.09 13.60 -3.92
N ASP B 484 2.96 12.63 -4.83
CA ASP B 484 2.83 12.95 -6.24
C ASP B 484 1.52 13.66 -6.54
N LYS B 485 0.41 13.17 -5.97
CA LYS B 485 -0.89 13.78 -6.24
C LYS B 485 -0.95 15.21 -5.75
N ILE B 486 -0.53 15.46 -4.51
CA ILE B 486 -0.54 16.81 -3.97
C ILE B 486 0.40 17.71 -4.75
N GLY B 487 1.60 17.22 -5.07
CA GLY B 487 2.53 18.04 -5.81
C GLY B 487 1.99 18.44 -7.17
N GLU B 488 1.43 17.48 -7.91
CA GLU B 488 0.88 17.80 -9.23
C GLU B 488 -0.31 18.74 -9.12
N ILE B 489 -1.18 18.52 -8.11
CA ILE B 489 -2.35 19.37 -7.95
C ILE B 489 -1.95 20.80 -7.66
N LEU B 490 -0.98 20.99 -6.78
CA LEU B 490 -0.57 22.34 -6.41
C LEU B 490 0.26 22.99 -7.51
N THR B 491 0.98 22.20 -8.31
CA THR B 491 1.69 22.75 -9.45
C THR B 491 0.75 23.13 -10.59
N ALA B 492 -0.41 22.47 -10.70
CA ALA B 492 -1.33 22.74 -11.78
C ALA B 492 -1.70 24.22 -11.86
N SER B 493 -1.81 24.88 -10.72
CA SER B 493 -1.99 26.32 -10.65
C SER B 493 -0.80 26.94 -9.95
N THR B 494 -0.11 27.85 -10.62
CA THR B 494 1.08 28.48 -10.08
C THR B 494 0.81 29.79 -9.36
N ASP B 495 -0.44 30.25 -9.36
CA ASP B 495 -0.83 31.51 -8.72
C ASP B 495 -1.60 31.24 -7.43
N ILE B 496 -1.35 30.08 -6.81
CA ILE B 496 -2.06 29.68 -5.61
C ILE B 496 -1.52 30.47 -4.43
N LYS B 497 -2.39 31.26 -3.79
CA LYS B 497 -2.07 31.95 -2.54
C LYS B 497 -3.23 31.68 -1.59
N THR B 498 -3.18 30.56 -0.88
CA THR B 498 -4.27 30.12 -0.03
C THR B 498 -3.78 29.82 1.38
N PRO B 499 -4.64 29.97 2.38
CA PRO B 499 -4.27 29.58 3.75
C PRO B 499 -4.16 28.08 3.86
N PRO B 500 -3.74 27.56 5.02
CA PRO B 500 -3.77 26.11 5.23
C PRO B 500 -5.18 25.56 5.07
N LEU B 501 -5.27 24.40 4.45
CA LEU B 501 -6.55 23.76 4.16
C LEU B 501 -6.55 22.32 4.64
N ALA B 502 -7.73 21.81 4.91
CA ALA B 502 -7.86 20.40 5.29
C ALA B 502 -7.57 19.51 4.09
N PHE B 503 -7.31 18.23 4.38
CA PHE B 503 -6.87 17.31 3.35
C PHE B 503 -7.97 17.03 2.31
N LYS B 504 -9.24 17.00 2.74
CA LYS B 504 -10.32 16.61 1.85
C LYS B 504 -10.47 17.54 0.66
N TYR B 505 -9.96 18.77 0.73
CA TYR B 505 -10.03 19.67 -0.42
C TYR B 505 -9.00 19.35 -1.49
N TYR B 506 -7.98 18.55 -1.17
CA TYR B 506 -6.92 18.21 -2.13
C TYR B 506 -7.15 16.87 -2.80
N ILE B 507 -7.32 15.80 -2.01
CA ILE B 507 -7.49 14.46 -2.55
C ILE B 507 -8.74 14.38 -3.43
N MET C 1 -34.98 -20.37 33.15
CA MET C 1 -35.81 -19.35 32.52
C MET C 1 -35.29 -19.15 31.09
N ARG C 2 -36.19 -18.89 30.16
CA ARG C 2 -35.86 -18.83 28.73
C ARG C 2 -35.41 -17.42 28.37
N ASN C 3 -34.14 -17.27 28.01
CA ASN C 3 -33.60 -16.00 27.53
C ASN C 3 -32.89 -16.14 26.19
N LYS C 4 -32.61 -17.37 25.75
CA LYS C 4 -31.81 -17.59 24.55
C LYS C 4 -32.67 -17.43 23.30
N ILE C 5 -32.11 -16.76 22.30
CA ILE C 5 -32.80 -16.47 21.06
C ILE C 5 -32.14 -17.29 19.96
N PHE C 6 -32.89 -18.23 19.39
CA PHE C 6 -32.34 -19.22 18.47
C PHE C 6 -32.35 -18.67 17.05
N ILE C 7 -31.28 -18.95 16.31
CA ILE C 7 -31.24 -18.67 14.87
C ILE C 7 -30.99 -19.97 14.13
N SER C 8 -31.85 -20.26 13.15
CA SER C 8 -31.71 -21.42 12.27
C SER C 8 -31.45 -20.94 10.85
N HIS C 9 -30.60 -21.67 10.12
CA HIS C 9 -30.19 -21.24 8.79
C HIS C 9 -29.51 -22.41 8.09
N ALA C 10 -29.22 -22.20 6.81
CA ALA C 10 -28.38 -23.11 6.04
C ALA C 10 -26.93 -22.64 6.09
N THR C 11 -26.01 -23.60 6.16
CA THR C 11 -24.61 -23.27 6.28
C THR C 11 -23.83 -23.81 5.09
N PRO C 12 -22.69 -23.16 4.72
CA PRO C 12 -22.14 -21.93 5.28
C PRO C 12 -22.53 -20.69 4.49
N ASP C 13 -23.46 -20.85 3.54
CA ASP C 13 -23.83 -19.75 2.65
C ASP C 13 -24.46 -18.59 3.42
N ASP C 14 -25.32 -18.88 4.38
CA ASP C 14 -26.03 -17.85 5.14
C ASP C 14 -25.29 -17.45 6.41
N ASN C 15 -23.97 -17.59 6.44
CA ASN C 15 -23.21 -17.28 7.65
C ASN C 15 -23.10 -15.77 7.86
N ASP C 16 -23.17 -14.99 6.78
CA ASP C 16 -22.90 -13.56 6.88
C ASP C 16 -23.92 -12.84 7.75
N PHE C 17 -25.19 -12.86 7.32
CA PHE C 17 -26.23 -12.18 8.08
C PHE C 17 -26.42 -12.82 9.46
N THR C 18 -26.24 -14.14 9.54
CA THR C 18 -26.34 -14.82 10.82
C THR C 18 -25.32 -14.29 11.80
N ARG C 19 -24.07 -14.12 11.35
CA ARG C 19 -23.04 -13.54 12.20
C ARG C 19 -23.37 -12.11 12.55
N TRP C 20 -23.81 -11.32 11.57
CA TRP C 20 -24.10 -9.91 11.81
C TRP C 20 -25.14 -9.74 12.92
N LEU C 21 -26.32 -10.33 12.69
CA LEU C 21 -27.43 -10.12 13.62
C LEU C 21 -27.13 -10.71 14.98
N ALA C 22 -26.48 -11.88 15.02
CA ALA C 22 -26.13 -12.50 16.28
C ALA C 22 -25.19 -11.60 17.07
N LEU C 23 -24.17 -11.05 16.41
CA LEU C 23 -23.20 -10.21 17.11
C LEU C 23 -23.85 -8.92 17.59
N LYS C 24 -24.66 -8.28 16.74
CA LYS C 24 -25.33 -7.05 17.15
C LYS C 24 -26.30 -7.30 18.30
N LEU C 25 -27.04 -8.40 18.27
CA LEU C 25 -27.99 -8.69 19.33
C LEU C 25 -27.30 -9.08 20.62
N ILE C 26 -26.18 -9.79 20.55
CA ILE C 26 -25.44 -10.14 21.76
C ILE C 26 -24.63 -8.99 22.31
N GLY C 27 -24.40 -7.95 21.51
CA GLY C 27 -23.83 -6.73 22.03
C GLY C 27 -24.90 -5.76 22.46
N LEU C 28 -26.14 -6.02 22.06
CA LEU C 28 -27.25 -5.15 22.44
C LEU C 28 -27.79 -5.48 23.81
N GLY C 29 -27.45 -6.65 24.35
CA GLY C 29 -27.86 -7.01 25.69
C GLY C 29 -28.54 -8.36 25.78
N TYR C 30 -28.83 -8.97 24.64
CA TYR C 30 -29.57 -10.22 24.60
C TYR C 30 -28.61 -11.40 24.64
N GLU C 31 -29.15 -12.62 24.59
CA GLU C 31 -28.36 -13.84 24.48
C GLU C 31 -28.84 -14.63 23.27
N VAL C 32 -27.91 -14.99 22.40
CA VAL C 32 -28.21 -15.57 21.11
C VAL C 32 -27.57 -16.95 21.00
N TRP C 33 -28.28 -17.86 20.35
CA TRP C 33 -27.78 -19.20 20.10
C TRP C 33 -27.82 -19.47 18.60
N CYS C 34 -26.77 -20.12 18.12
CA CYS C 34 -26.61 -20.52 16.73
C CYS C 34 -25.48 -21.53 16.68
N ASP C 35 -25.38 -22.24 15.56
CA ASP C 35 -24.39 -23.31 15.45
C ASP C 35 -22.97 -22.75 15.52
N ILE C 36 -22.68 -21.73 14.72
CA ILE C 36 -21.34 -21.14 14.71
C ILE C 36 -21.27 -20.02 15.74
N LEU C 37 -21.14 -20.38 17.01
CA LEU C 37 -20.90 -19.41 18.06
C LEU C 37 -19.86 -19.94 19.04
N PHE C 38 -19.69 -21.26 19.08
CA PHE C 38 -18.92 -21.93 20.12
C PHE C 38 -17.62 -22.52 19.61
N LEU C 39 -17.68 -23.24 18.49
CA LEU C 39 -16.53 -23.95 17.92
C LEU C 39 -15.92 -24.93 18.94
N ASP C 40 -16.81 -25.69 19.58
CA ASP C 40 -16.40 -26.79 20.43
C ASP C 40 -16.89 -28.13 19.90
N LYS C 41 -18.17 -28.26 19.58
CA LYS C 41 -18.74 -29.41 18.87
C LYS C 41 -18.55 -30.73 19.63
N GLY C 42 -19.11 -31.80 19.09
CA GLY C 42 -18.84 -33.14 19.58
C GLY C 42 -19.73 -33.63 20.71
N VAL C 43 -20.36 -32.73 21.46
CA VAL C 43 -21.18 -33.15 22.61
C VAL C 43 -22.60 -33.33 22.09
N ASP C 44 -22.84 -34.48 21.46
CA ASP C 44 -24.16 -34.96 21.06
C ASP C 44 -25.03 -33.83 20.51
N PHE C 45 -24.58 -33.28 19.37
CA PHE C 45 -25.09 -31.98 18.92
C PHE C 45 -26.61 -31.96 18.73
N TRP C 46 -27.19 -33.07 18.26
CA TRP C 46 -28.64 -33.09 18.06
C TRP C 46 -29.39 -33.05 19.40
N SER C 47 -28.89 -33.77 20.40
CA SER C 47 -29.50 -33.72 21.71
C SER C 47 -29.40 -32.31 22.29
N ASN C 48 -28.28 -31.65 22.09
CA ASN C 48 -28.13 -30.27 22.54
C ASN C 48 -29.11 -29.35 21.84
N ILE C 49 -29.31 -29.56 20.53
CA ILE C 49 -30.27 -28.73 19.78
C ILE C 49 -31.68 -28.95 20.33
N GLU C 50 -32.06 -30.20 20.58
CA GLU C 50 -33.38 -30.45 21.16
C GLU C 50 -33.50 -29.78 22.52
N LYS C 51 -32.46 -29.89 23.35
CA LYS C 51 -32.51 -29.32 24.68
C LYS C 51 -32.70 -27.80 24.63
N VAL C 52 -31.93 -27.12 23.77
CA VAL C 52 -32.05 -25.67 23.72
C VAL C 52 -33.38 -25.26 23.11
N ILE C 53 -33.84 -25.95 22.07
CA ILE C 53 -35.12 -25.61 21.44
C ILE C 53 -36.30 -25.81 22.37
N ARG C 54 -36.32 -26.89 23.15
CA ARG C 54 -37.46 -27.23 23.99
C ARG C 54 -37.41 -26.55 25.34
N GLU C 55 -36.23 -26.39 25.94
CA GLU C 55 -36.14 -25.98 27.34
C GLU C 55 -35.71 -24.52 27.51
N ASP C 56 -34.75 -24.05 26.72
CA ASP C 56 -34.10 -22.77 26.99
C ASP C 56 -34.51 -21.65 26.03
N THR C 57 -35.01 -21.97 24.84
CA THR C 57 -35.30 -20.95 23.85
C THR C 57 -36.52 -20.13 24.24
N CYS C 58 -36.45 -18.82 23.99
CA CYS C 58 -37.58 -17.91 24.20
C CYS C 58 -38.27 -17.56 22.89
N LYS C 59 -37.50 -17.12 21.90
CA LYS C 59 -38.01 -16.82 20.56
C LYS C 59 -37.22 -17.59 19.52
N PHE C 60 -37.79 -17.70 18.33
CA PHE C 60 -37.21 -18.51 17.26
C PHE C 60 -37.36 -17.78 15.94
N LEU C 61 -36.24 -17.38 15.35
CA LEU C 61 -36.23 -16.76 14.02
C LEU C 61 -35.63 -17.75 13.04
N LEU C 62 -36.31 -17.96 11.92
CA LEU C 62 -35.84 -18.83 10.86
C LEU C 62 -35.52 -17.99 9.64
N VAL C 63 -34.31 -18.15 9.11
CA VAL C 63 -33.87 -17.36 7.96
C VAL C 63 -34.46 -17.98 6.71
N SER C 64 -35.63 -17.48 6.30
CA SER C 64 -36.40 -18.08 5.20
C SER C 64 -35.79 -17.69 3.85
N SER C 65 -34.53 -18.08 3.68
CA SER C 65 -33.85 -17.91 2.40
C SER C 65 -34.24 -19.06 1.47
N SER C 66 -33.73 -19.04 0.24
CA SER C 66 -33.97 -20.12 -0.70
C SER C 66 -33.35 -21.45 -0.26
N TYR C 67 -32.14 -21.40 0.30
CA TYR C 67 -31.48 -22.63 0.74
C TYR C 67 -32.13 -23.21 1.99
N SER C 68 -32.47 -22.35 2.95
CA SER C 68 -32.99 -22.80 4.23
C SER C 68 -34.48 -23.13 4.19
N ASN C 69 -35.11 -23.06 3.01
CA ASN C 69 -36.55 -23.30 2.92
C ASN C 69 -36.90 -24.74 3.30
N GLN C 70 -36.13 -25.71 2.81
CA GLN C 70 -36.49 -27.11 2.99
C GLN C 70 -35.32 -28.01 3.35
N ARG C 71 -34.21 -27.47 3.85
CA ARG C 71 -33.07 -28.29 4.23
C ARG C 71 -33.45 -29.20 5.40
N GLU C 72 -32.85 -30.38 5.44
CA GLU C 72 -33.25 -31.42 6.39
C GLU C 72 -33.12 -30.92 7.84
N GLY C 73 -31.98 -30.31 8.17
CA GLY C 73 -31.81 -29.77 9.51
C GLY C 73 -32.82 -28.69 9.82
N VAL C 74 -33.04 -27.77 8.87
CA VAL C 74 -33.99 -26.70 9.07
C VAL C 74 -35.41 -27.25 9.21
N LEU C 75 -35.77 -28.22 8.38
CA LEU C 75 -37.11 -28.81 8.47
C LEU C 75 -37.32 -29.53 9.81
N LYS C 76 -36.30 -30.27 10.26
CA LYS C 76 -36.40 -30.95 11.54
C LYS C 76 -36.53 -29.96 12.70
N GLU C 77 -35.70 -28.91 12.68
CA GLU C 77 -35.79 -27.88 13.71
C GLU C 77 -37.14 -27.17 13.66
N LEU C 78 -37.68 -26.97 12.45
CA LEU C 78 -38.98 -26.34 12.31
C LEU C 78 -40.10 -27.22 12.86
N ALA C 79 -39.99 -28.54 12.67
CA ALA C 79 -40.98 -29.45 13.25
C ALA C 79 -40.95 -29.39 14.77
N VAL C 80 -39.74 -29.44 15.36
CA VAL C 80 -39.64 -29.33 16.81
C VAL C 80 -40.13 -27.95 17.27
N ALA C 81 -39.87 -26.91 16.47
CA ALA C 81 -40.33 -25.58 16.80
C ALA C 81 -41.85 -25.49 16.79
N ALA C 82 -42.50 -26.14 15.84
CA ALA C 82 -43.96 -26.19 15.82
C ALA C 82 -44.49 -26.92 17.04
N LYS C 83 -43.84 -28.03 17.42
CA LYS C 83 -44.28 -28.76 18.61
C LYS C 83 -44.18 -27.89 19.86
N VAL C 84 -43.03 -27.23 20.05
CA VAL C 84 -42.89 -26.37 21.23
C VAL C 84 -43.78 -25.14 21.14
N LYS C 85 -44.08 -24.66 19.93
CA LYS C 85 -45.01 -23.55 19.76
C LYS C 85 -46.40 -23.93 20.24
N LYS C 86 -46.85 -25.13 19.87
CA LYS C 86 -48.12 -25.63 20.41
C LYS C 86 -48.04 -25.84 21.92
N GLN C 87 -46.86 -26.23 22.43
CA GLN C 87 -46.70 -26.43 23.86
C GLN C 87 -46.88 -25.11 24.63
N LEU C 88 -46.15 -24.07 24.24
CA LEU C 88 -46.17 -22.81 24.98
C LEU C 88 -47.31 -21.88 24.58
N LYS C 89 -48.11 -22.26 23.58
CA LYS C 89 -49.28 -21.47 23.15
C LYS C 89 -48.88 -20.04 22.77
N ASP C 90 -47.76 -19.92 22.05
CA ASP C 90 -47.28 -18.63 21.55
C ASP C 90 -47.40 -18.62 20.04
N ASP C 91 -48.30 -17.77 19.52
CA ASP C 91 -48.53 -17.72 18.09
C ASP C 91 -47.33 -17.15 17.33
N LYS C 92 -46.61 -16.21 17.93
CA LYS C 92 -45.48 -15.55 17.29
C LYS C 92 -44.15 -16.17 17.71
N PHE C 93 -44.14 -17.46 18.03
CA PHE C 93 -42.89 -18.13 18.38
C PHE C 93 -41.96 -18.24 17.18
N ILE C 94 -42.53 -18.39 15.99
CA ILE C 94 -41.76 -18.54 14.75
C ILE C 94 -41.78 -17.21 14.00
N ILE C 95 -40.60 -16.70 13.69
CA ILE C 95 -40.47 -15.46 12.94
C ILE C 95 -39.64 -15.71 11.69
N PRO C 96 -40.23 -15.65 10.49
CA PRO C 96 -39.41 -15.77 9.27
C PRO C 96 -38.70 -14.47 8.96
N LEU C 97 -37.53 -14.58 8.34
CA LEU C 97 -36.72 -13.43 7.94
C LEU C 97 -36.27 -13.66 6.50
N ALA C 98 -37.03 -13.14 5.55
CA ALA C 98 -36.68 -13.25 4.14
C ALA C 98 -35.45 -12.39 3.86
N ILE C 99 -34.39 -13.01 3.35
CA ILE C 99 -33.13 -12.33 3.11
C ILE C 99 -32.72 -12.32 1.65
N ASP C 100 -33.63 -12.63 0.73
CA ASP C 100 -33.31 -12.62 -0.69
C ASP C 100 -34.53 -12.20 -1.51
N GLU C 101 -34.26 -11.75 -2.73
CA GLU C 101 -35.31 -11.33 -3.65
C GLU C 101 -35.75 -12.44 -4.60
N GLN C 102 -34.94 -13.49 -4.75
CA GLN C 102 -35.22 -14.51 -5.75
C GLN C 102 -36.20 -15.58 -5.27
N LEU C 103 -36.57 -15.58 -3.99
CA LEU C 103 -37.53 -16.55 -3.47
C LEU C 103 -38.94 -16.04 -3.76
N SER C 104 -39.67 -16.77 -4.59
CA SER C 104 -41.04 -16.41 -4.89
C SER C 104 -41.95 -16.67 -3.68
N TYR C 105 -43.09 -15.98 -3.66
CA TYR C 105 -44.00 -16.12 -2.53
C TYR C 105 -44.61 -17.51 -2.47
N ASP C 106 -44.85 -18.14 -3.63
CA ASP C 106 -45.41 -19.48 -3.63
C ASP C 106 -44.42 -20.52 -3.16
N ASP C 107 -43.12 -20.25 -3.31
CA ASP C 107 -42.08 -21.23 -3.02
C ASP C 107 -41.93 -21.48 -1.51
N ILE C 108 -42.18 -20.46 -0.68
CA ILE C 108 -41.92 -20.58 0.76
C ILE C 108 -42.68 -21.75 1.35
N ASN C 109 -42.12 -22.33 2.41
CA ASN C 109 -42.70 -23.49 3.04
C ASN C 109 -44.09 -23.16 3.60
N ILE C 110 -44.97 -24.16 3.57
CA ILE C 110 -46.37 -23.94 3.94
C ILE C 110 -46.49 -23.48 5.39
N ASP C 111 -45.69 -24.08 6.28
CA ASP C 111 -45.81 -23.80 7.70
C ASP C 111 -45.38 -22.39 8.08
N ILE C 112 -44.71 -21.66 7.19
CA ILE C 112 -44.25 -20.32 7.51
C ILE C 112 -44.86 -19.24 6.61
N VAL C 113 -45.61 -19.62 5.58
CA VAL C 113 -46.26 -18.62 4.72
C VAL C 113 -47.26 -17.81 5.51
N ARG C 114 -48.04 -18.47 6.37
CA ARG C 114 -49.11 -17.78 7.10
C ARG C 114 -48.55 -16.70 8.02
N LEU C 115 -47.45 -17.00 8.72
CA LEU C 115 -46.89 -16.06 9.68
C LEU C 115 -46.33 -14.83 8.96
N ASN C 116 -46.35 -13.70 9.66
CA ASN C 116 -45.87 -12.45 9.10
C ASN C 116 -44.35 -12.46 9.02
N ALA C 117 -43.81 -12.10 7.86
CA ALA C 117 -42.37 -12.12 7.63
C ALA C 117 -41.81 -10.72 7.82
N ILE C 118 -40.82 -10.59 8.70
CA ILE C 118 -40.14 -9.32 8.91
C ILE C 118 -39.12 -9.11 7.80
N ASP C 119 -39.19 -7.96 7.14
CA ASP C 119 -38.42 -7.75 5.92
C ASP C 119 -36.95 -7.50 6.21
N PHE C 120 -36.08 -8.20 5.48
CA PHE C 120 -34.65 -7.98 5.51
C PHE C 120 -34.06 -7.93 4.10
N LYS C 121 -34.89 -7.73 3.08
CA LYS C 121 -34.44 -7.78 1.70
C LYS C 121 -34.00 -6.40 1.19
N MET C 122 -34.70 -5.34 1.59
CA MET C 122 -34.38 -4.02 1.08
C MET C 122 -33.20 -3.40 1.83
N SER C 123 -33.29 -3.36 3.16
CA SER C 123 -32.23 -2.78 3.97
C SER C 123 -32.15 -3.52 5.30
N TRP C 124 -30.92 -3.78 5.74
CA TRP C 124 -30.71 -4.53 6.97
C TRP C 124 -30.95 -3.69 8.22
N ALA C 125 -30.69 -2.39 8.18
CA ALA C 125 -30.87 -1.57 9.37
C ALA C 125 -32.34 -1.40 9.72
N ARG C 126 -33.19 -1.18 8.71
CA ARG C 126 -34.62 -1.09 8.97
C ARG C 126 -35.17 -2.41 9.48
N GLY C 127 -34.69 -3.53 8.93
CA GLY C 127 -35.09 -4.83 9.45
C GLY C 127 -34.66 -5.03 10.90
N LEU C 128 -33.44 -4.60 11.23
CA LEU C 128 -32.98 -4.71 12.61
C LEU C 128 -33.83 -3.85 13.53
N LYS C 129 -34.23 -2.65 13.07
CA LYS C 129 -35.11 -1.81 13.88
C LYS C 129 -36.46 -2.47 14.07
N ASP C 130 -36.98 -3.14 13.02
CA ASP C 130 -38.25 -3.84 13.14
C ASP C 130 -38.14 -4.97 14.16
N ILE C 131 -37.06 -5.74 14.11
CA ILE C 131 -36.85 -6.82 15.08
C ILE C 131 -36.75 -6.25 16.49
N LEU C 132 -36.03 -5.13 16.65
CA LEU C 132 -35.91 -4.52 17.96
C LEU C 132 -37.27 -4.05 18.48
N GLU C 133 -38.09 -3.47 17.60
CA GLU C 133 -39.43 -3.08 17.99
C GLU C 133 -40.25 -4.28 18.43
N ALA C 134 -40.14 -5.39 17.68
CA ALA C 134 -40.87 -6.60 18.05
C ALA C 134 -40.44 -7.09 19.43
N PHE C 135 -39.14 -7.06 19.71
CA PHE C 135 -38.66 -7.52 21.01
C PHE C 135 -39.02 -6.56 22.14
N GLU C 136 -39.10 -5.26 21.89
CA GLU C 136 -39.65 -4.37 22.92
C GLU C 136 -41.12 -4.66 23.18
N LYS C 137 -41.89 -4.93 22.12
CA LYS C 137 -43.32 -5.20 22.29
C LYS C 137 -43.55 -6.50 23.03
N GLN C 138 -42.77 -7.54 22.73
CA GLN C 138 -42.95 -8.84 23.37
C GLN C 138 -42.28 -8.93 24.73
N LYS C 139 -41.56 -7.89 25.15
CA LYS C 139 -41.03 -7.76 26.51
C LYS C 139 -40.13 -8.95 26.88
N VAL C 140 -39.01 -9.04 26.17
CA VAL C 140 -37.98 -10.03 26.44
C VAL C 140 -37.02 -9.44 27.47
N PRO C 141 -36.75 -10.13 28.58
CA PRO C 141 -35.80 -9.61 29.57
C PRO C 141 -34.41 -9.44 28.99
N LYS C 142 -33.72 -8.41 29.43
CA LYS C 142 -32.40 -8.08 28.91
C LYS C 142 -31.72 -7.11 29.87
N GLU C 143 -30.42 -6.90 29.65
CA GLU C 143 -29.63 -5.93 30.39
C GLU C 143 -29.12 -4.87 29.42
N VAL C 144 -28.25 -3.99 29.91
CA VAL C 144 -27.76 -2.89 29.10
C VAL C 144 -26.90 -3.42 27.95
N ALA C 145 -26.88 -2.68 26.85
CA ALA C 145 -26.08 -3.06 25.69
C ALA C 145 -24.59 -2.93 26.00
N ASP C 146 -23.80 -3.80 25.37
CA ASP C 146 -22.36 -3.81 25.59
C ASP C 146 -21.69 -4.44 24.38
N ALA C 147 -21.00 -3.63 23.58
CA ALA C 147 -20.32 -4.13 22.39
C ALA C 147 -18.98 -4.78 22.70
N SER C 148 -18.46 -4.66 23.92
CA SER C 148 -17.19 -5.29 24.24
C SER C 148 -17.32 -6.81 24.29
N LYS C 149 -18.48 -7.32 24.70
CA LYS C 149 -18.74 -8.75 24.60
C LYS C 149 -18.74 -9.19 23.14
N SER C 150 -19.31 -8.37 22.25
CA SER C 150 -19.24 -8.64 20.83
C SER C 150 -17.79 -8.69 20.35
N ASN C 151 -16.96 -7.75 20.81
CA ASN C 151 -15.56 -7.72 20.44
C ASN C 151 -14.85 -8.98 20.90
N LEU C 152 -15.08 -9.39 22.16
CA LEU C 152 -14.42 -10.57 22.70
C LEU C 152 -14.85 -11.83 21.96
N LEU C 153 -16.15 -11.95 21.66
CA LEU C 153 -16.63 -13.12 20.94
C LEU C 153 -16.05 -13.19 19.53
N TYR C 154 -16.00 -12.04 18.83
CA TYR C 154 -15.42 -12.03 17.49
C TYR C 154 -13.94 -12.36 17.54
N GLN C 155 -13.24 -11.92 18.59
CA GLN C 155 -11.81 -12.20 18.71
C GLN C 155 -11.55 -13.67 19.02
N GLN C 156 -12.41 -14.28 19.84
CA GLN C 156 -12.13 -15.63 20.32
C GLN C 156 -12.73 -16.74 19.46
N ILE C 157 -13.73 -16.43 18.63
CA ILE C 157 -14.31 -17.41 17.71
C ILE C 157 -13.75 -17.26 16.30
N PHE C 158 -13.62 -16.03 15.83
CA PHE C 158 -13.28 -15.80 14.43
C PHE C 158 -11.88 -15.23 14.23
N LEU C 159 -11.20 -14.81 15.30
CA LEU C 159 -9.79 -14.44 15.24
C LEU C 159 -8.94 -15.45 16.00
N HIS C 160 -9.30 -16.73 15.87
CA HIS C 160 -8.66 -17.82 16.60
C HIS C 160 -7.59 -18.50 15.76
N ASP C 161 -7.89 -18.83 14.50
CA ASP C 161 -6.99 -19.56 13.64
C ASP C 161 -6.10 -18.66 12.79
N LYS C 162 -6.20 -17.35 12.95
CA LYS C 162 -5.42 -16.38 12.16
C LYS C 162 -4.66 -15.44 13.05
N SER C 163 -3.96 -16.00 14.04
CA SER C 163 -3.16 -15.23 14.99
C SER C 163 -1.68 -15.40 14.66
N VAL C 164 -0.84 -14.82 15.51
CA VAL C 164 0.62 -14.89 15.34
C VAL C 164 1.16 -15.92 16.30
N ILE C 165 1.99 -16.83 15.78
CA ILE C 165 2.58 -17.90 16.57
C ILE C 165 4.09 -17.72 16.62
N GLU C 166 4.69 -18.27 17.66
CA GLU C 166 6.14 -18.19 17.86
C GLU C 166 6.78 -19.41 17.21
N LYS C 167 7.19 -19.26 15.95
CA LYS C 167 7.78 -20.36 15.21
C LYS C 167 9.03 -19.86 14.49
N GLU C 168 10.07 -20.69 14.49
CA GLU C 168 11.34 -20.31 13.88
C GLU C 168 11.30 -20.50 12.37
N GLU C 169 11.91 -19.57 11.65
CA GLU C 169 11.99 -19.64 10.20
C GLU C 169 13.36 -19.15 9.75
N ILE C 170 13.80 -19.67 8.59
CA ILE C 170 15.08 -19.30 8.01
C ILE C 170 14.81 -18.72 6.62
N TYR C 171 15.26 -17.49 6.41
CA TYR C 171 15.02 -16.75 5.18
C TYR C 171 16.33 -16.56 4.42
N ASP C 172 16.26 -16.67 3.09
CA ASP C 172 17.39 -16.45 2.22
C ASP C 172 17.26 -15.08 1.55
N SER C 173 18.37 -14.33 1.53
CA SER C 173 18.44 -13.02 0.92
C SER C 173 19.12 -13.13 -0.45
N ASN C 174 19.40 -11.97 -1.05
CA ASN C 174 20.08 -11.91 -2.33
C ASN C 174 21.45 -11.24 -2.23
N TRP C 175 22.10 -11.35 -1.07
CA TRP C 175 23.38 -10.70 -0.82
C TRP C 175 24.48 -11.74 -0.70
N LEU C 176 25.62 -11.47 -1.34
CA LEU C 176 26.80 -12.32 -1.26
C LEU C 176 27.85 -11.62 -0.41
N SER C 177 28.34 -12.33 0.61
CA SER C 177 29.34 -11.77 1.50
C SER C 177 30.73 -11.96 0.93
N ILE C 178 31.54 -10.90 0.97
CA ILE C 178 32.90 -10.93 0.47
C ILE C 178 33.80 -11.54 1.55
N LEU C 179 34.52 -12.60 1.20
CA LEU C 179 35.33 -13.31 2.18
C LEU C 179 36.66 -12.62 2.43
N SER C 180 37.49 -12.49 1.39
CA SER C 180 38.83 -11.96 1.54
C SER C 180 39.05 -10.82 0.56
N PHE C 181 39.97 -9.93 0.93
CA PHE C 181 40.32 -8.77 0.13
C PHE C 181 41.82 -8.72 -0.09
N PRO C 182 42.28 -8.16 -1.21
CA PRO C 182 43.69 -7.87 -1.39
C PRO C 182 44.30 -7.21 -0.16
N GLU C 183 45.61 -7.44 0.02
CA GLU C 183 46.30 -6.88 1.17
C GLU C 183 46.33 -5.36 1.12
N GLU C 184 46.57 -4.78 -0.06
CA GLU C 184 46.80 -3.34 -0.16
C GLU C 184 46.19 -2.80 -1.45
N LEU C 185 45.79 -1.53 -1.39
CA LEU C 185 45.35 -0.76 -2.53
C LEU C 185 46.46 0.22 -2.91
N ARG C 186 46.75 0.31 -4.21
CA ARG C 186 47.91 1.03 -4.70
C ARG C 186 47.49 2.24 -5.53
N PHE C 187 48.11 3.39 -5.24
CA PHE C 187 47.96 4.59 -6.04
C PHE C 187 49.29 4.83 -6.73
N HIS C 188 49.25 4.96 -8.06
CA HIS C 188 50.45 5.13 -8.87
C HIS C 188 50.68 6.62 -9.16
N GLU C 189 51.66 6.91 -10.02
CA GLU C 189 51.99 8.27 -10.44
C GLU C 189 51.87 8.33 -11.96
N TYR C 190 50.84 9.01 -12.45
CA TYR C 190 50.54 9.05 -13.88
C TYR C 190 49.96 10.41 -14.24
N ASN C 191 49.44 10.50 -15.46
CA ASN C 191 48.78 11.68 -16.03
C ASN C 191 49.80 12.75 -16.42
N TRP C 192 51.07 12.57 -16.04
CA TRP C 192 52.15 13.25 -16.75
C TRP C 192 52.87 12.33 -17.72
N MET C 193 52.55 11.04 -17.71
CA MET C 193 53.16 10.06 -18.59
C MET C 193 52.14 9.20 -19.33
N LEU C 194 50.89 9.13 -18.85
CA LEU C 194 49.87 8.66 -19.78
C LEU C 194 49.39 9.83 -20.64
N PRO C 195 48.85 9.55 -21.83
CA PRO C 195 48.22 10.61 -22.62
C PRO C 195 47.05 11.26 -21.89
N LYS C 196 46.87 12.57 -22.09
CA LYS C 196 45.76 13.27 -21.47
C LYS C 196 44.44 12.85 -22.12
N ARG C 197 43.35 13.04 -21.37
CA ARG C 197 42.01 12.61 -21.80
C ARG C 197 42.00 11.11 -22.08
N PHE C 198 42.43 10.33 -21.10
CA PHE C 198 42.54 8.88 -21.22
C PHE C 198 41.39 8.20 -20.48
N ASP C 199 40.75 7.25 -21.15
CA ASP C 199 39.66 6.47 -20.54
C ASP C 199 40.27 5.18 -20.01
N VAL C 200 40.62 5.18 -18.73
CA VAL C 200 41.21 4.02 -18.08
C VAL C 200 40.22 2.89 -17.89
N ARG C 201 38.92 3.15 -18.08
CA ARG C 201 37.90 2.12 -17.88
C ARG C 201 37.98 1.00 -18.92
N GLU C 202 38.59 1.27 -20.08
CA GLU C 202 38.71 0.26 -21.13
C GLU C 202 39.90 -0.67 -20.90
N LEU C 203 40.69 -0.42 -19.87
CA LEU C 203 41.83 -1.26 -19.54
C LEU C 203 41.37 -2.58 -18.94
N THR C 204 42.24 -3.58 -18.96
CA THR C 204 41.87 -4.91 -18.49
C THR C 204 41.73 -4.94 -16.97
N PHE C 205 42.80 -4.66 -16.26
CA PHE C 205 42.71 -4.56 -14.81
C PHE C 205 42.09 -3.20 -14.46
N PRO C 206 40.99 -3.18 -13.71
CA PRO C 206 40.25 -1.91 -13.52
C PRO C 206 41.06 -0.89 -12.76
N ALA C 207 40.82 0.37 -13.08
CA ALA C 207 41.51 1.49 -12.45
C ALA C 207 40.60 2.71 -12.50
N VAL C 208 40.90 3.68 -11.65
CA VAL C 208 40.11 4.91 -11.56
C VAL C 208 41.08 6.08 -11.40
N ARG C 209 40.60 7.26 -11.78
CA ARG C 209 41.40 8.48 -11.82
C ARG C 209 41.15 9.27 -10.54
N TYR C 210 42.23 9.62 -9.84
CA TYR C 210 42.16 10.46 -8.65
C TYR C 210 43.14 11.63 -8.84
N LYS C 211 42.66 12.68 -9.50
CA LYS C 211 43.44 13.88 -9.77
C LYS C 211 44.79 13.54 -10.40
N ASN C 212 45.84 13.53 -9.58
CA ASN C 212 47.18 13.23 -10.08
C ASN C 212 47.43 11.73 -10.17
N TYR C 213 47.02 10.98 -9.15
CA TYR C 213 47.38 9.58 -9.03
C TYR C 213 46.39 8.70 -9.79
N LEU C 214 46.70 7.41 -9.83
CA LEU C 214 45.86 6.39 -10.47
C LEU C 214 45.58 5.30 -9.44
N CYS C 215 44.31 5.11 -9.09
CA CYS C 215 43.94 4.15 -8.04
C CYS C 215 43.51 2.83 -8.68
N THR C 216 44.19 1.76 -8.31
CA THR C 216 43.88 0.45 -8.86
C THR C 216 44.39 -0.63 -7.91
N PHE C 217 43.86 -1.83 -8.08
CA PHE C 217 44.30 -3.01 -7.34
C PHE C 217 45.26 -3.78 -8.25
N ALA C 218 46.46 -3.25 -8.42
CA ALA C 218 47.48 -3.87 -9.26
C ALA C 218 48.85 -3.29 -8.98
N TRP C 219 49.90 -4.09 -9.18
CA TRP C 219 51.25 -3.59 -9.02
C TRP C 219 51.54 -2.49 -10.03
N ALA C 220 52.71 -1.85 -9.88
CA ALA C 220 53.09 -0.78 -10.80
C ALA C 220 53.23 -1.30 -12.23
N TYR C 221 53.92 -2.43 -12.40
CA TYR C 221 54.27 -2.93 -13.73
C TYR C 221 53.32 -4.06 -14.16
N ASP C 222 52.08 -3.67 -14.45
CA ASP C 222 51.12 -4.55 -15.12
C ASP C 222 50.38 -3.87 -16.25
N PHE C 223 50.73 -2.62 -16.58
CA PHE C 223 50.06 -1.88 -17.64
C PHE C 223 50.99 -1.56 -18.80
N THR C 224 52.11 -2.28 -18.92
CA THR C 224 53.09 -1.99 -19.97
C THR C 224 52.51 -2.23 -21.35
N TYR C 225 51.80 -3.34 -21.53
CA TYR C 225 51.30 -3.69 -22.86
C TYR C 225 50.27 -2.68 -23.35
N HIS C 226 49.41 -2.18 -22.44
CA HIS C 226 48.38 -1.24 -22.83
C HIS C 226 48.95 0.14 -23.13
N LEU C 227 49.93 0.59 -22.34
CA LEU C 227 50.52 1.91 -22.51
C LEU C 227 52.03 1.76 -22.61
N PRO C 228 52.55 1.53 -23.82
CA PRO C 228 54.00 1.51 -24.00
C PRO C 228 54.65 2.84 -23.68
N LYS C 229 53.89 3.94 -23.69
CA LYS C 229 54.44 5.23 -23.30
C LYS C 229 54.80 5.29 -21.82
N THR C 230 54.32 4.34 -21.02
CA THR C 230 54.48 4.39 -19.57
C THR C 230 55.46 3.33 -19.06
N GLU C 231 56.37 2.87 -19.91
CA GLU C 231 57.31 1.84 -19.49
C GLU C 231 58.40 2.42 -18.57
N THR C 232 58.50 3.75 -18.51
CA THR C 232 59.55 4.39 -17.71
C THR C 232 59.23 4.44 -16.22
N TYR C 233 58.10 3.90 -15.78
CA TYR C 233 57.70 4.01 -14.38
C TYR C 233 58.70 3.30 -13.48
N HIS C 234 58.99 3.92 -12.33
CA HIS C 234 59.85 3.35 -11.32
C HIS C 234 59.02 2.86 -10.14
N LYS C 235 59.27 1.62 -9.73
CA LYS C 235 58.42 0.93 -8.76
C LYS C 235 58.52 1.48 -7.34
N SER C 236 59.23 2.59 -7.15
CA SER C 236 59.36 3.21 -5.84
C SER C 236 58.46 4.41 -5.64
N LYS C 237 57.54 4.68 -6.58
CA LYS C 237 56.63 5.81 -6.46
C LYS C 237 55.19 5.36 -6.46
N THR C 238 54.88 4.29 -5.72
CA THR C 238 53.54 3.74 -5.61
C THR C 238 53.15 3.71 -4.15
N ILE C 239 52.15 4.49 -3.77
CA ILE C 239 51.74 4.55 -2.37
C ILE C 239 50.71 3.46 -2.11
N ARG C 240 50.94 2.68 -1.05
CA ARG C 240 50.15 1.48 -0.76
C ARG C 240 49.44 1.64 0.57
N ILE C 241 48.17 1.29 0.61
CA ILE C 241 47.32 1.47 1.78
C ILE C 241 46.65 0.15 2.11
N PRO C 242 46.82 -0.39 3.32
CA PRO C 242 46.13 -1.64 3.68
C PRO C 242 44.62 -1.50 3.51
N THR C 243 43.99 -2.58 3.03
CA THR C 243 42.55 -2.56 2.77
C THR C 243 41.75 -2.86 4.02
N GLU C 244 42.29 -3.68 4.93
CA GLU C 244 41.57 -4.03 6.14
C GLU C 244 41.33 -2.80 7.02
N GLU C 245 42.31 -1.90 7.10
CA GLU C 245 42.12 -0.69 7.89
C GLU C 245 41.11 0.24 7.24
N ILE C 246 41.03 0.24 5.90
CA ILE C 246 39.97 0.96 5.21
C ILE C 246 38.61 0.38 5.56
N LEU C 247 38.53 -0.96 5.63
CA LEU C 247 37.29 -1.60 6.04
C LEU C 247 36.91 -1.19 7.45
N SER C 248 37.89 -1.12 8.36
CA SER C 248 37.65 -0.59 9.69
C SER C 248 37.27 0.88 9.66
N GLY C 249 37.69 1.62 8.63
CA GLY C 249 37.33 3.02 8.51
C GLY C 249 38.13 3.98 9.35
N SER C 250 39.27 3.55 9.89
CA SER C 250 40.07 4.38 10.77
C SER C 250 41.13 5.21 10.03
N TYR C 251 41.24 5.08 8.71
CA TYR C 251 42.17 5.91 7.96
C TYR C 251 41.70 7.36 7.91
N ASP C 252 42.65 8.28 8.02
CA ASP C 252 42.36 9.70 7.87
C ASP C 252 43.66 10.41 7.51
N SER C 253 43.75 10.92 6.29
CA SER C 253 44.93 11.62 5.83
C SER C 253 44.52 12.65 4.80
N ASN C 254 45.40 13.63 4.58
CA ASN C 254 45.14 14.67 3.58
C ASN C 254 45.05 14.11 2.17
N PHE C 255 45.65 12.94 1.92
CA PHE C 255 45.61 12.35 0.59
C PHE C 255 44.19 11.98 0.18
N ILE C 256 43.50 11.21 1.03
CA ILE C 256 42.20 10.66 0.67
C ILE C 256 41.28 10.72 1.88
N ARG C 257 39.99 10.93 1.63
CA ARG C 257 38.96 10.76 2.65
C ARG C 257 38.44 9.32 2.62
N ASN C 258 37.97 8.85 3.77
CA ASN C 258 37.52 7.47 3.88
C ASN C 258 36.35 7.19 2.94
N ALA C 259 35.38 8.11 2.89
CA ALA C 259 34.21 7.91 2.04
C ALA C 259 34.60 7.85 0.56
N GLU C 260 35.51 8.73 0.14
CA GLU C 260 35.95 8.73 -1.25
C GLU C 260 36.66 7.42 -1.59
N CYS C 261 37.51 6.95 -0.68
CA CYS C 261 38.19 5.67 -0.91
C CYS C 261 37.20 4.52 -1.02
N LYS C 262 36.18 4.53 -0.16
CA LYS C 262 35.16 3.48 -0.22
C LYS C 262 34.40 3.55 -1.55
N ARG C 263 34.12 4.77 -2.03
CA ARG C 263 33.45 4.91 -3.32
C ARG C 263 34.33 4.37 -4.45
N LEU C 264 35.63 4.64 -4.39
CA LEU C 264 36.55 4.09 -5.39
C LEU C 264 36.55 2.57 -5.36
N ILE C 265 36.55 1.99 -4.16
CA ILE C 265 36.50 0.54 -4.04
C ILE C 265 35.19 0.00 -4.63
N VAL C 266 34.09 0.71 -4.40
CA VAL C 266 32.80 0.29 -4.93
C VAL C 266 32.82 0.28 -6.45
N GLN C 267 33.36 1.35 -7.05
CA GLN C 267 33.43 1.40 -8.51
C GLN C 267 34.34 0.29 -9.05
N LEU C 268 35.46 0.05 -8.38
CA LEU C 268 36.35 -1.03 -8.80
C LEU C 268 35.65 -2.38 -8.75
N LEU C 269 34.91 -2.64 -7.68
CA LEU C 269 34.19 -3.91 -7.56
C LEU C 269 33.12 -4.03 -8.63
N ASN C 270 32.41 -2.95 -8.92
CA ASN C 270 31.40 -2.98 -9.98
C ASN C 270 32.03 -3.33 -11.32
N LYS C 271 33.12 -2.65 -11.67
CA LYS C 271 33.77 -2.94 -12.94
C LYS C 271 34.31 -4.37 -12.98
N ALA C 272 34.91 -4.83 -11.88
CA ALA C 272 35.44 -6.18 -11.85
C ALA C 272 34.34 -7.21 -12.03
N PHE C 273 33.18 -6.98 -11.41
CA PHE C 273 32.04 -7.87 -11.62
C PHE C 273 31.61 -7.86 -13.07
N GLU C 274 31.62 -6.67 -13.70
CA GLU C 274 31.22 -6.57 -15.10
C GLU C 274 32.11 -7.42 -15.99
N LEU C 275 33.44 -7.25 -15.89
CA LEU C 275 34.32 -8.06 -16.73
C LEU C 275 34.29 -9.55 -16.36
N ARG C 276 34.19 -9.86 -15.07
CA ARG C 276 34.20 -11.27 -14.68
C ARG C 276 32.99 -12.01 -15.20
N MET C 277 31.83 -11.34 -15.26
CA MET C 277 30.69 -11.97 -15.91
C MET C 277 30.68 -11.77 -17.42
N LYS C 278 31.51 -10.88 -17.95
CA LYS C 278 31.79 -10.89 -19.38
C LYS C 278 32.49 -12.16 -19.79
N ASP C 279 33.45 -12.61 -18.96
CA ASP C 279 34.20 -13.83 -19.26
C ASP C 279 33.31 -15.08 -19.22
N LYS C 280 32.18 -15.03 -18.53
CA LYS C 280 31.33 -16.20 -18.33
C LYS C 280 30.27 -16.35 -19.42
N GLU C 281 30.55 -15.85 -20.63
CA GLU C 281 29.70 -15.96 -21.82
C GLU C 281 28.21 -15.80 -21.51
N VAL C 282 27.82 -14.68 -20.91
CA VAL C 282 26.43 -14.33 -20.70
C VAL C 282 26.14 -13.02 -21.40
N GLN C 283 25.01 -12.94 -22.08
CA GLN C 283 24.65 -11.75 -22.85
C GLN C 283 24.29 -10.60 -21.93
N GLU C 284 24.51 -9.39 -22.41
CA GLU C 284 24.33 -8.17 -21.64
C GLU C 284 23.17 -7.35 -22.21
N TYR C 285 22.48 -6.65 -21.32
CA TYR C 285 21.42 -5.73 -21.69
C TYR C 285 21.61 -4.46 -20.88
N GLU C 286 21.85 -3.34 -21.58
CA GLU C 286 22.08 -2.06 -20.92
C GLU C 286 20.72 -1.43 -20.62
N MET C 287 20.35 -1.41 -19.34
CA MET C 287 19.10 -0.81 -18.91
C MET C 287 19.29 0.71 -18.82
N SER C 288 18.32 1.39 -18.20
CA SER C 288 18.38 2.85 -18.11
C SER C 288 19.61 3.31 -17.34
N ASN C 289 19.92 2.66 -16.22
CA ASN C 289 21.04 3.05 -15.39
C ASN C 289 21.99 1.91 -15.06
N LYS C 290 21.61 0.66 -15.30
CA LYS C 290 22.44 -0.48 -14.95
C LYS C 290 22.48 -1.45 -16.12
N THR C 291 23.30 -2.49 -15.98
CA THR C 291 23.44 -3.55 -16.98
C THR C 291 23.05 -4.87 -16.36
N ALA C 292 22.13 -5.59 -17.01
CA ALA C 292 21.66 -6.88 -16.54
C ALA C 292 22.12 -7.96 -17.50
N TYR C 293 22.60 -9.07 -16.94
CA TYR C 293 23.17 -10.15 -17.74
C TYR C 293 22.30 -11.40 -17.66
N TRP C 294 22.08 -12.02 -18.82
CA TRP C 294 21.18 -13.15 -18.95
C TRP C 294 21.86 -14.23 -19.79
N LEU C 295 21.21 -15.39 -19.85
CA LEU C 295 21.71 -16.54 -20.59
C LEU C 295 20.90 -16.75 -21.87
N GLU C 296 21.58 -16.99 -22.97
CA GLU C 296 20.92 -17.27 -24.23
C GLU C 296 20.20 -18.61 -24.17
N LYS C 297 19.16 -18.75 -25.00
CA LYS C 297 18.45 -20.01 -25.10
C LYS C 297 19.38 -21.09 -25.64
N GLY C 298 19.37 -22.25 -24.99
CA GLY C 298 20.23 -23.35 -25.38
C GLY C 298 21.65 -23.28 -24.86
N LYS C 299 21.99 -22.26 -24.07
CA LYS C 299 23.33 -22.18 -23.49
C LYS C 299 23.57 -23.34 -22.52
N LEU C 300 22.54 -23.72 -21.76
CA LEU C 300 22.60 -24.85 -20.86
C LEU C 300 21.57 -25.89 -21.27
N GLU C 301 21.86 -27.16 -20.96
CA GLU C 301 21.00 -28.25 -21.40
C GLU C 301 19.61 -28.13 -20.80
N LYS C 302 18.59 -28.34 -21.63
CA LYS C 302 17.18 -28.28 -21.26
C LYS C 302 16.79 -26.93 -20.65
N ASP C 303 17.65 -25.92 -20.78
CA ASP C 303 17.45 -24.60 -20.20
C ASP C 303 17.24 -24.66 -18.69
N LYS C 304 17.77 -25.68 -18.03
CA LYS C 304 17.59 -25.88 -16.60
C LYS C 304 18.93 -26.17 -15.94
N PHE C 305 19.11 -25.64 -14.73
CA PHE C 305 20.26 -25.96 -13.89
C PHE C 305 19.77 -26.74 -12.70
N GLU C 306 20.32 -27.94 -12.49
CA GLU C 306 19.84 -28.87 -11.48
C GLU C 306 18.36 -29.17 -11.69
N LYS C 307 17.49 -28.45 -10.97
CA LYS C 307 16.05 -28.66 -11.10
C LYS C 307 15.30 -27.33 -11.14
N THR C 308 15.89 -26.31 -11.76
CA THR C 308 15.29 -24.98 -11.83
C THR C 308 15.10 -24.59 -13.29
N MET C 309 13.92 -24.06 -13.61
CA MET C 309 13.54 -23.75 -14.98
C MET C 309 13.93 -22.29 -15.24
N LEU C 310 15.16 -22.08 -15.71
CA LEU C 310 15.68 -20.73 -15.87
C LEU C 310 15.01 -20.01 -17.04
N VAL C 311 15.10 -20.59 -18.24
CA VAL C 311 14.59 -19.98 -19.47
C VAL C 311 13.33 -20.72 -19.89
N GLY C 312 12.25 -19.96 -20.13
CA GLY C 312 10.98 -20.57 -20.43
C GLY C 312 10.29 -19.89 -21.60
N LYS C 313 9.08 -20.37 -21.89
CA LYS C 313 8.29 -19.90 -23.02
C LYS C 313 6.90 -19.48 -22.55
N GLN C 314 6.43 -18.34 -23.06
CA GLN C 314 5.09 -17.83 -22.79
C GLN C 314 4.48 -17.39 -24.13
N LYS C 315 3.43 -18.10 -24.56
CA LYS C 315 2.75 -17.82 -25.82
C LYS C 315 3.72 -17.90 -27.00
N ASP C 316 3.95 -16.78 -27.67
CA ASP C 316 4.87 -16.70 -28.78
C ASP C 316 6.17 -16.00 -28.42
N LYS C 317 6.53 -15.99 -27.13
CA LYS C 317 7.71 -15.29 -26.65
C LYS C 317 8.49 -16.22 -25.73
N ASN C 318 9.76 -15.89 -25.52
CA ASN C 318 10.64 -16.61 -24.61
C ASN C 318 11.11 -15.67 -23.53
N TRP C 319 10.96 -16.09 -22.27
CA TRP C 319 11.36 -15.28 -21.13
C TRP C 319 12.62 -15.84 -20.49
N HIS C 320 13.50 -14.93 -20.08
CA HIS C 320 14.78 -15.25 -19.46
C HIS C 320 14.84 -14.58 -18.09
N PHE C 321 15.35 -15.31 -17.11
CA PHE C 321 15.73 -14.75 -15.83
C PHE C 321 17.11 -14.11 -15.96
N ALA C 322 17.22 -12.83 -15.62
CA ALA C 322 18.45 -12.09 -15.74
C ALA C 322 18.81 -11.48 -14.39
N ILE C 323 20.11 -11.23 -14.20
CA ILE C 323 20.61 -10.67 -12.95
C ILE C 323 21.49 -9.47 -13.25
N SER C 324 21.47 -8.51 -12.33
CA SER C 324 22.35 -7.36 -12.37
C SER C 324 23.15 -7.28 -11.09
N GLY C 325 24.34 -6.70 -11.16
CA GLY C 325 25.29 -6.70 -10.05
C GLY C 325 25.53 -5.31 -9.50
N ALA C 326 25.76 -5.25 -8.19
CA ALA C 326 26.14 -4.01 -7.53
C ALA C 326 26.89 -4.36 -6.26
N SER C 327 27.55 -3.36 -5.66
CA SER C 327 28.34 -3.58 -4.46
C SER C 327 28.02 -2.52 -3.42
N LYS C 328 28.25 -2.86 -2.15
CA LYS C 328 28.07 -1.92 -1.06
C LYS C 328 28.89 -2.39 0.13
N LEU C 329 29.13 -1.47 1.06
CA LEU C 329 29.78 -1.80 2.31
C LEU C 329 29.10 -1.07 3.45
N TYR C 330 29.56 -1.37 4.66
CA TYR C 330 29.17 -0.86 5.96
C TYR C 330 27.70 -1.09 6.34
N PRO C 331 27.06 -2.19 5.94
CA PRO C 331 26.49 -3.09 6.95
C PRO C 331 27.63 -3.95 7.46
N PHE C 332 28.38 -4.47 6.47
CA PHE C 332 29.58 -5.27 6.23
C PHE C 332 29.75 -5.39 4.72
N PRO C 333 30.95 -5.76 4.20
CA PRO C 333 31.10 -5.90 2.75
C PRO C 333 30.06 -6.83 2.11
N VAL C 334 29.35 -6.33 1.09
CA VAL C 334 28.23 -7.06 0.49
C VAL C 334 28.20 -6.78 -1.02
N LEU C 335 27.82 -7.80 -1.78
CA LEU C 335 27.49 -7.66 -3.20
C LEU C 335 26.02 -7.99 -3.38
N MET C 336 25.29 -7.10 -4.08
CA MET C 336 23.88 -7.31 -4.36
C MET C 336 23.69 -7.84 -5.79
N ILE C 337 22.72 -8.73 -5.92
CA ILE C 337 22.24 -9.22 -7.21
C ILE C 337 20.76 -8.88 -7.31
N SER C 338 20.38 -8.20 -8.40
CA SER C 338 19.01 -7.79 -8.63
C SER C 338 18.40 -8.62 -9.74
N SER C 339 17.19 -9.12 -9.51
CA SER C 339 16.50 -10.01 -10.45
C SER C 339 15.72 -9.21 -11.48
N HIS C 340 15.62 -9.77 -12.69
CA HIS C 340 14.83 -9.18 -13.76
C HIS C 340 14.32 -10.30 -14.66
N ILE C 341 13.26 -9.98 -15.41
CA ILE C 341 12.73 -10.87 -16.45
C ILE C 341 12.81 -10.14 -17.78
N PHE C 342 13.37 -10.79 -18.78
CA PHE C 342 13.44 -10.22 -20.12
C PHE C 342 12.77 -11.16 -21.12
N PHE C 343 12.43 -10.63 -22.29
CA PHE C 343 11.68 -11.37 -23.29
C PHE C 343 12.33 -11.25 -24.66
N THR C 344 12.07 -12.26 -25.49
CA THR C 344 12.60 -12.32 -26.85
C THR C 344 11.65 -13.15 -27.70
N ALA C 345 11.96 -13.22 -28.99
CA ALA C 345 11.18 -14.03 -29.93
C ALA C 345 11.98 -15.19 -30.50
N ASP C 346 13.18 -14.93 -31.02
CA ASP C 346 14.00 -15.98 -31.63
C ASP C 346 14.92 -16.67 -30.63
N GLY C 347 15.01 -16.18 -29.40
CA GLY C 347 15.86 -16.78 -28.40
C GLY C 347 17.21 -16.12 -28.23
N LYS C 348 17.61 -15.23 -29.13
CA LYS C 348 18.91 -14.60 -29.03
C LYS C 348 18.77 -13.08 -29.11
N LYS C 349 17.85 -12.60 -29.93
CA LYS C 349 17.69 -11.18 -30.18
C LYS C 349 16.60 -10.61 -29.29
N LEU C 350 16.94 -9.58 -28.52
CA LEU C 350 15.99 -8.97 -27.61
C LEU C 350 14.92 -8.18 -28.37
N ILE C 351 13.77 -8.05 -27.75
CA ILE C 351 12.68 -7.24 -28.30
C ILE C 351 12.98 -5.78 -28.04
N ASP C 352 12.93 -4.96 -29.09
CA ASP C 352 13.26 -3.56 -28.98
C ASP C 352 12.10 -2.70 -28.49
N SER C 353 10.91 -3.27 -28.34
CA SER C 353 9.75 -2.52 -27.86
C SER C 353 9.75 -2.54 -26.34
N SER C 354 10.04 -1.39 -25.73
CA SER C 354 10.12 -1.32 -24.27
C SER C 354 8.77 -1.59 -23.62
N SER C 355 7.70 -1.01 -24.16
CA SER C 355 6.38 -1.18 -23.56
C SER C 355 5.94 -2.64 -23.63
N VAL C 356 6.20 -3.31 -24.75
CA VAL C 356 5.87 -4.73 -24.87
C VAL C 356 6.68 -5.54 -23.87
N GLN C 357 7.95 -5.20 -23.69
CA GLN C 357 8.78 -5.89 -22.71
C GLN C 357 8.22 -5.72 -21.30
N HIS C 358 7.81 -4.50 -20.94
CA HIS C 358 7.26 -4.26 -19.61
C HIS C 358 5.95 -5.02 -19.40
N SER C 359 5.08 -4.99 -20.41
CA SER C 359 3.80 -5.71 -20.29
C SER C 359 4.03 -7.21 -20.14
N SER C 360 4.95 -7.77 -20.94
CA SER C 360 5.25 -9.19 -20.83
C SER C 360 5.87 -9.51 -19.48
N ARG C 361 6.74 -8.64 -18.97
CA ARG C 361 7.31 -8.83 -17.64
C ARG C 361 6.23 -8.89 -16.58
N ARG C 362 5.28 -7.95 -16.63
CA ARG C 362 4.17 -7.95 -15.68
C ARG C 362 3.35 -9.23 -15.79
N ARG C 363 3.01 -9.61 -17.03
CA ARG C 363 2.17 -10.78 -17.23
C ARG C 363 2.84 -12.05 -16.73
N GLN C 364 4.14 -12.20 -16.98
CA GLN C 364 4.83 -13.41 -16.56
C GLN C 364 5.08 -13.42 -15.06
N GLY C 365 5.42 -12.27 -14.48
CA GLY C 365 5.67 -12.20 -13.06
C GLY C 365 4.45 -12.25 -12.19
N LYS C 366 3.26 -12.01 -12.76
CA LYS C 366 2.04 -12.17 -11.98
C LYS C 366 1.82 -13.60 -11.51
N ASN C 367 2.45 -14.58 -12.15
CA ASN C 367 2.28 -15.98 -11.80
C ASN C 367 3.53 -16.58 -11.14
N TRP C 368 4.44 -15.75 -10.66
CA TRP C 368 5.65 -16.23 -9.99
C TRP C 368 5.56 -15.87 -8.50
N TRP C 369 5.81 -16.86 -7.65
CA TRP C 369 5.73 -16.68 -6.21
C TRP C 369 7.12 -16.81 -5.59
N ASN C 370 7.17 -16.77 -4.26
CA ASN C 370 8.43 -16.65 -3.55
C ASN C 370 9.36 -17.82 -3.82
N ASN C 371 8.83 -19.04 -3.81
CA ASN C 371 9.67 -20.22 -3.99
C ASN C 371 10.32 -20.21 -5.38
N THR C 372 9.56 -19.84 -6.41
CA THR C 372 10.11 -19.80 -7.76
C THR C 372 11.26 -18.79 -7.85
N TRP C 373 11.04 -17.58 -7.35
CA TRP C 373 12.09 -16.55 -7.40
C TRP C 373 13.33 -17.02 -6.65
N ARG C 374 13.13 -17.57 -5.45
CA ARG C 374 14.26 -18.01 -4.63
C ARG C 374 15.06 -19.10 -5.34
N THR C 375 14.36 -20.11 -5.88
CA THR C 375 15.05 -21.21 -6.53
C THR C 375 15.78 -20.74 -7.79
N LYS C 376 15.15 -19.87 -8.57
CA LYS C 376 15.81 -19.37 -9.78
C LYS C 376 17.05 -18.55 -9.44
N LEU C 377 16.96 -17.68 -8.42
CA LEU C 377 18.13 -16.90 -8.04
C LEU C 377 19.24 -17.79 -7.52
N LEU C 378 18.90 -18.80 -6.72
CA LEU C 378 19.91 -19.73 -6.21
C LEU C 378 20.57 -20.50 -7.35
N ALA C 379 19.78 -20.94 -8.33
CA ALA C 379 20.34 -21.67 -9.46
C ALA C 379 21.27 -20.78 -10.29
N PHE C 380 20.88 -19.54 -10.52
CA PHE C 380 21.73 -18.65 -11.32
C PHE C 380 23.01 -18.32 -10.56
N ILE C 381 22.94 -18.17 -9.24
CA ILE C 381 24.15 -17.98 -8.45
C ILE C 381 25.06 -19.20 -8.56
N LYS C 382 24.47 -20.39 -8.44
CA LYS C 382 25.26 -21.62 -8.50
C LYS C 382 25.90 -21.81 -9.86
N TYR C 383 25.25 -21.33 -10.93
CA TYR C 383 25.79 -21.48 -12.27
C TYR C 383 27.14 -20.78 -12.42
N LEU C 384 27.32 -19.64 -11.76
CA LEU C 384 28.56 -18.87 -11.85
C LEU C 384 29.65 -19.39 -10.94
N SER C 385 29.36 -20.36 -10.08
CA SER C 385 30.34 -20.83 -9.11
C SER C 385 31.49 -21.56 -9.80
N ASP C 386 32.71 -21.31 -9.33
CA ASP C 386 33.88 -22.02 -9.82
C ASP C 386 34.26 -23.19 -8.92
N ASP C 387 34.04 -23.06 -7.62
CA ASP C 387 34.30 -24.12 -6.65
C ASP C 387 32.97 -24.58 -6.07
N ASP C 388 33.05 -25.45 -5.06
CA ASP C 388 31.85 -25.88 -4.34
C ASP C 388 31.48 -24.94 -3.21
N THR C 389 32.33 -23.94 -2.91
CA THR C 389 32.10 -23.03 -1.80
C THR C 389 32.02 -21.57 -2.20
N SER C 390 32.85 -21.11 -3.14
CA SER C 390 32.88 -19.71 -3.50
C SER C 390 33.45 -19.56 -4.90
N PHE C 391 33.30 -18.36 -5.47
CA PHE C 391 33.85 -18.06 -6.78
C PHE C 391 34.70 -16.80 -6.68
N TYR C 392 35.77 -16.77 -7.46
CA TYR C 392 36.73 -15.66 -7.39
C TYR C 392 36.32 -14.53 -8.32
N LEU C 393 36.68 -13.31 -7.96
CA LEU C 393 36.50 -12.13 -8.78
C LEU C 393 37.86 -11.46 -8.94
N GLU C 394 38.28 -11.27 -10.18
CA GLU C 394 39.65 -10.86 -10.45
C GLU C 394 39.91 -9.43 -10.02
N MET C 395 41.07 -9.22 -9.38
CA MET C 395 41.57 -7.89 -9.07
C MET C 395 42.81 -7.52 -9.86
N GLY C 396 43.65 -8.51 -10.20
CA GLY C 396 44.86 -8.23 -10.93
C GLY C 396 45.55 -9.52 -11.31
N SER C 397 46.87 -9.44 -11.50
CA SER C 397 47.64 -10.62 -11.87
C SER C 397 47.63 -11.67 -10.76
N GLU C 398 47.82 -11.24 -9.50
CA GLU C 398 47.86 -12.15 -8.37
C GLU C 398 46.90 -11.76 -7.26
N GLU C 399 45.89 -10.94 -7.56
CA GLU C 399 44.97 -10.43 -6.56
C GLU C 399 43.54 -10.81 -6.95
N LYS C 400 42.79 -11.32 -5.98
CA LYS C 400 41.41 -11.74 -6.21
C LYS C 400 40.59 -11.48 -4.95
N VAL C 401 39.29 -11.33 -5.12
CA VAL C 401 38.34 -11.29 -4.00
C VAL C 401 37.41 -12.48 -4.15
N PHE C 402 37.35 -13.32 -3.12
CA PHE C 402 36.58 -14.56 -3.19
C PHE C 402 35.20 -14.29 -2.57
N VAL C 403 34.15 -14.47 -3.38
CA VAL C 403 32.79 -14.19 -2.97
C VAL C 403 32.08 -15.53 -2.80
N SER C 404 31.48 -15.74 -1.63
CA SER C 404 30.77 -16.97 -1.34
C SER C 404 29.52 -17.08 -2.20
N ASN C 405 29.13 -18.31 -2.49
CA ASN C 405 27.96 -18.58 -3.33
C ASN C 405 26.69 -18.82 -2.52
N GLU C 406 26.75 -18.73 -1.19
CA GLU C 406 25.58 -18.91 -0.35
C GLU C 406 25.16 -17.56 0.23
N PRO C 407 23.98 -17.06 -0.11
CA PRO C 407 23.51 -15.79 0.46
C PRO C 407 23.41 -15.86 1.98
N VAL C 408 23.45 -14.69 2.60
CA VAL C 408 23.37 -14.59 4.06
C VAL C 408 21.99 -15.05 4.53
N LYS C 409 21.98 -15.90 5.55
CA LYS C 409 20.74 -16.40 6.13
C LYS C 409 20.22 -15.44 7.19
N PHE C 410 18.90 -15.40 7.34
CA PHE C 410 18.25 -14.59 8.36
C PHE C 410 17.33 -15.49 9.18
N LYS C 411 17.29 -15.25 10.49
CA LYS C 411 16.54 -16.08 11.41
C LYS C 411 15.37 -15.29 12.00
N GLY C 412 14.17 -15.83 11.87
CA GLY C 412 12.96 -15.18 12.35
C GLY C 412 12.30 -16.00 13.44
N ASN C 413 11.74 -15.32 14.43
CA ASN C 413 11.14 -15.96 15.59
C ASN C 413 9.62 -16.03 15.56
N VAL C 414 8.98 -15.34 14.62
CA VAL C 414 7.53 -15.30 14.53
C VAL C 414 7.10 -15.78 13.16
N SER C 415 6.05 -16.59 13.11
CA SER C 415 5.57 -17.17 11.87
C SER C 415 4.07 -17.39 12.00
N TYR C 416 3.52 -18.23 11.12
CA TYR C 416 2.08 -18.43 11.01
C TYR C 416 1.83 -19.87 10.58
N ASN C 417 0.62 -20.15 10.11
CA ASN C 417 0.25 -21.45 9.57
C ASN C 417 -0.23 -21.26 8.13
N ILE C 418 0.26 -22.11 7.23
CA ILE C 418 -0.14 -22.02 5.82
C ILE C 418 -1.64 -22.29 5.71
N PRO C 419 -2.39 -21.49 4.96
CA PRO C 419 -3.84 -21.73 4.84
C PRO C 419 -4.13 -23.03 4.11
N GLU C 420 -5.24 -23.65 4.51
CA GLU C 420 -5.66 -24.90 3.87
C GLU C 420 -6.03 -24.69 2.41
N LYS C 421 -6.75 -23.60 2.12
CA LYS C 421 -7.21 -23.34 0.76
C LYS C 421 -6.21 -22.46 0.00
#